data_6UUP
#
_entry.id   6UUP
#
_cell.length_a   81.234
_cell.length_b   104.635
_cell.length_c   87.915
_cell.angle_alpha   90.000
_cell.angle_beta   113.572
_cell.angle_gamma   90.000
#
_symmetry.space_group_name_H-M   'P 1 21 1'
#
loop_
_entity.id
_entity.type
_entity.pdbx_description
1 polymer 'Anti-CD33 conditional scFv'
2 non-polymer GLYCEROL
3 non-polymer DI(HYDROXYETHYL)ETHER
4 non-polymer 'POTASSIUM ION'
5 non-polymer 2-AMINO-2-HYDROXYMETHYL-PROPANE-1,3-DIOL
6 water water
#
_entity_poly.entity_id   1
_entity_poly.type   'polypeptide(L)'
_entity_poly.pdbx_seq_one_letter_code
;QVQLVESGGGLVQAGGSLRLSCAASRRSSRSWAMHWVRQAPGKGLEWVAVISYDGRLKYYADSVKGRFTISRDNAEYLVY
LQMNSLRAEDTAVYYCAAEEGDGGFFDYWGQGTLVTVSSGGGGSGGGGSGGGGSGGGGSELQSVLTQPPSASGTPGQRVT
ISCSGSSSNIGSNYVNWYQQLPGTAPKLLIYRNNERPSGVPDRFSGSKSGTSASLAISGLRSEDEADYYCAAWDGSLSGR
GVFGTGTKLTVLENLYFQGGSGSHHHHHHHH
;
_entity_poly.pdbx_strand_id   A,B,C,D
#
loop_
_chem_comp.id
_chem_comp.type
_chem_comp.name
_chem_comp.formula
GOL non-polymer GLYCEROL 'C3 H8 O3'
K non-polymer 'POTASSIUM ION' 'K 1'
PEG non-polymer DI(HYDROXYETHYL)ETHER 'C4 H10 O3'
TRS non-polymer 2-AMINO-2-HYDROXYMETHYL-PROPANE-1,3-DIOL 'C4 H12 N O3 1'
#
# COMPACT_ATOMS: atom_id res chain seq x y z
N GLN A 1 5.48 -32.01 17.93
CA GLN A 1 5.82 -30.59 18.07
C GLN A 1 6.78 -30.16 16.95
N VAL A 2 6.46 -29.03 16.31
CA VAL A 2 7.30 -28.50 15.25
C VAL A 2 8.51 -27.79 15.85
N GLN A 3 9.68 -28.01 15.27
CA GLN A 3 10.92 -27.38 15.70
C GLN A 3 11.34 -26.34 14.66
N LEU A 4 11.71 -25.16 15.15
CA LEU A 4 12.17 -24.07 14.30
C LEU A 4 13.65 -23.79 14.55
N VAL A 5 14.41 -23.58 13.48
CA VAL A 5 15.85 -23.38 13.55
C VAL A 5 16.20 -22.19 12.67
N GLU A 6 16.67 -21.10 13.29
CA GLU A 6 17.14 -19.94 12.56
C GLU A 6 18.61 -20.10 12.19
N SER A 7 19.02 -19.43 11.11
CA SER A 7 20.41 -19.45 10.67
C SER A 7 20.64 -18.26 9.75
N GLY A 8 21.93 -17.99 9.49
CA GLY A 8 22.33 -16.92 8.59
C GLY A 8 22.98 -15.73 9.26
N GLY A 9 23.01 -15.68 10.59
CA GLY A 9 23.59 -14.55 11.29
C GLY A 9 25.09 -14.46 11.11
N GLY A 10 25.62 -13.30 11.47
CA GLY A 10 27.04 -13.05 11.36
C GLY A 10 27.34 -11.56 11.46
N LEU A 11 28.56 -11.22 11.08
CA LEU A 11 29.03 -9.84 11.06
C LEU A 11 28.88 -9.27 9.65
N VAL A 12 28.31 -8.07 9.55
CA VAL A 12 28.14 -7.39 8.28
C VAL A 12 28.37 -5.90 8.48
N GLN A 13 28.94 -5.26 7.46
CA GLN A 13 29.14 -3.82 7.49
C GLN A 13 27.82 -3.09 7.25
N ALA A 14 27.69 -1.90 7.83
CA ALA A 14 26.51 -1.08 7.63
C ALA A 14 26.30 -0.83 6.13
N GLY A 15 25.05 -0.94 5.70
CA GLY A 15 24.71 -0.86 4.29
C GLY A 15 24.74 -2.18 3.56
N GLY A 16 25.35 -3.21 4.15
CA GLY A 16 25.41 -4.51 3.51
C GLY A 16 24.11 -5.28 3.61
N SER A 17 24.15 -6.51 3.10
CA SER A 17 22.99 -7.37 3.00
C SER A 17 23.26 -8.70 3.69
N LEU A 18 22.18 -9.34 4.12
CA LEU A 18 22.24 -10.62 4.82
C LEU A 18 20.87 -11.28 4.73
N ARG A 19 20.86 -12.60 4.51
CA ARG A 19 19.62 -13.35 4.42
C ARG A 19 19.58 -14.38 5.54
N LEU A 20 18.55 -14.31 6.37
CA LEU A 20 18.33 -15.28 7.42
C LEU A 20 17.36 -16.35 6.94
N SER A 21 17.47 -17.54 7.55
CA SER A 21 16.60 -18.67 7.25
C SER A 21 15.94 -19.16 8.52
N CYS A 22 14.65 -19.45 8.43
CA CYS A 22 13.89 -20.10 9.50
C CYS A 22 13.40 -21.43 8.95
N ALA A 23 13.95 -22.53 9.46
CA ALA A 23 13.61 -23.86 8.99
C ALA A 23 12.63 -24.54 9.94
N ALA A 24 11.59 -25.13 9.38
CA ALA A 24 10.60 -25.88 10.13
C ALA A 24 10.81 -27.37 9.93
N SER A 25 10.76 -28.13 11.02
CA SER A 25 11.02 -29.57 10.94
C SER A 25 9.99 -30.31 10.09
N ARG A 26 8.76 -29.83 10.05
CA ARG A 26 7.70 -30.48 9.29
C ARG A 26 6.55 -29.51 9.07
N ARG A 27 5.73 -29.82 8.08
CA ARG A 27 4.52 -29.04 7.83
C ARG A 27 3.51 -29.25 8.96
N SER A 28 2.62 -28.28 9.12
CA SER A 28 1.58 -28.35 10.14
C SER A 28 0.38 -27.52 9.70
N SER A 29 -0.80 -28.09 9.81
CA SER A 29 -2.01 -27.34 9.48
C SER A 29 -2.44 -26.41 10.61
N ARG A 30 -1.85 -26.54 11.80
CA ARG A 30 -2.15 -25.60 12.87
C ARG A 30 -1.46 -24.26 12.65
N SER A 31 -0.21 -24.29 12.16
CA SER A 31 0.55 -23.06 11.99
C SER A 31 0.20 -22.40 10.67
N TRP A 32 -0.31 -21.16 10.73
CA TRP A 32 -0.73 -20.44 9.55
C TRP A 32 0.18 -19.28 9.19
N ALA A 33 1.05 -18.85 10.10
CA ALA A 33 1.92 -17.71 9.85
C ALA A 33 3.25 -17.92 10.56
N MET A 34 4.30 -17.29 10.03
CA MET A 34 5.63 -17.32 10.62
C MET A 34 6.11 -15.89 10.81
N HIS A 35 6.45 -15.53 12.05
CA HIS A 35 6.93 -14.20 12.38
C HIS A 35 8.45 -14.19 12.55
N TRP A 36 9.04 -13.02 12.37
CA TRP A 36 10.40 -12.73 12.80
C TRP A 36 10.32 -11.72 13.94
N VAL A 37 11.01 -12.00 15.04
CA VAL A 37 11.09 -11.12 16.20
C VAL A 37 12.55 -11.00 16.57
N ARG A 38 13.02 -9.76 16.78
CA ARG A 38 14.42 -9.52 17.08
C ARG A 38 14.56 -8.85 18.44
N GLN A 39 15.78 -8.91 18.98
CA GLN A 39 16.05 -8.35 20.30
C GLN A 39 17.51 -7.90 20.34
N ALA A 40 17.74 -6.60 20.42
CA ALA A 40 19.09 -6.10 20.61
C ALA A 40 19.59 -6.49 22.00
N PRO A 41 20.90 -6.65 22.16
CA PRO A 41 21.44 -7.06 23.48
C PRO A 41 21.02 -6.09 24.57
N GLY A 42 20.38 -6.62 25.60
CA GLY A 42 19.91 -5.83 26.71
C GLY A 42 18.65 -5.02 26.46
N LYS A 43 18.06 -5.11 25.28
CA LYS A 43 16.89 -4.32 24.93
C LYS A 43 15.65 -5.22 24.88
N GLY A 44 14.52 -4.62 24.53
CA GLY A 44 13.27 -5.33 24.46
C GLY A 44 13.07 -6.06 23.14
N LEU A 45 11.93 -6.75 23.06
CA LEU A 45 11.57 -7.49 21.86
C LEU A 45 10.95 -6.56 20.83
N GLU A 46 11.26 -6.79 19.55
CA GLU A 46 10.69 -5.99 18.48
C GLU A 46 10.25 -6.91 17.36
N TRP A 47 8.95 -6.91 17.09
CA TRP A 47 8.43 -7.67 15.96
C TRP A 47 8.95 -7.09 14.66
N VAL A 48 9.30 -7.96 13.71
CA VAL A 48 9.96 -7.56 12.46
C VAL A 48 9.03 -7.73 11.27
N ALA A 49 8.57 -8.95 11.02
CA ALA A 49 7.76 -9.24 9.84
C ALA A 49 7.00 -10.54 10.06
N VAL A 50 6.06 -10.82 9.16
CA VAL A 50 5.29 -12.06 9.19
C VAL A 50 4.92 -12.43 7.77
N ILE A 51 4.76 -13.74 7.53
CA ILE A 51 4.33 -14.25 6.23
C ILE A 51 3.41 -15.44 6.47
N SER A 52 2.30 -15.50 5.73
CA SER A 52 1.36 -16.58 5.88
C SER A 52 1.92 -17.88 5.27
N TYR A 53 1.28 -19.00 5.63
CA TYR A 53 1.74 -20.31 5.19
C TYR A 53 1.82 -20.41 3.67
N ASP A 54 0.99 -19.66 2.94
CA ASP A 54 1.00 -19.68 1.49
C ASP A 54 1.72 -18.48 0.89
N GLY A 55 2.35 -17.64 1.71
CA GLY A 55 3.10 -16.51 1.24
C GLY A 55 2.29 -15.34 0.75
N ARG A 56 0.95 -15.41 0.80
CA ARG A 56 0.13 -14.36 0.19
C ARG A 56 -0.03 -13.15 1.10
N LEU A 57 0.11 -13.30 2.41
CA LEU A 57 0.03 -12.19 3.35
C LEU A 57 1.41 -11.90 3.91
N LYS A 58 1.83 -10.63 3.85
CA LYS A 58 3.11 -10.18 4.36
C LYS A 58 2.95 -8.81 5.00
N TYR A 59 3.49 -8.65 6.21
CA TYR A 59 3.48 -7.37 6.90
C TYR A 59 4.83 -7.13 7.55
N TYR A 60 5.22 -5.86 7.64
CA TYR A 60 6.54 -5.47 8.14
C TYR A 60 6.39 -4.37 9.17
N ALA A 61 7.35 -4.30 10.08
CA ALA A 61 7.43 -3.17 10.98
C ALA A 61 7.96 -1.95 10.22
N ASP A 62 7.51 -0.77 10.66
CA ASP A 62 7.92 0.46 9.99
C ASP A 62 9.43 0.67 10.08
N SER A 63 10.08 0.09 11.10
CA SER A 63 11.51 0.25 11.28
C SER A 63 12.34 -0.54 10.27
N VAL A 64 11.71 -1.47 9.53
CA VAL A 64 12.41 -2.24 8.51
C VAL A 64 11.74 -2.14 7.14
N LYS A 65 10.63 -1.43 7.03
CA LYS A 65 9.90 -1.36 5.76
C LYS A 65 10.79 -0.76 4.68
N GLY A 66 10.76 -1.38 3.49
CA GLY A 66 11.56 -0.95 2.38
C GLY A 66 12.96 -1.52 2.36
N ARG A 67 13.47 -1.99 3.50
CA ARG A 67 14.79 -2.60 3.56
C ARG A 67 14.75 -4.11 3.75
N PHE A 68 13.74 -4.63 4.44
CA PHE A 68 13.62 -6.06 4.69
C PHE A 68 12.54 -6.65 3.80
N THR A 69 12.74 -7.91 3.42
CA THR A 69 11.77 -8.63 2.59
C THR A 69 11.63 -10.04 3.13
N ILE A 70 10.41 -10.43 3.45
CA ILE A 70 10.11 -11.76 3.94
C ILE A 70 9.60 -12.60 2.77
N SER A 71 9.92 -13.90 2.80
CA SER A 71 9.49 -14.82 1.76
C SER A 71 9.69 -16.23 2.29
N ARG A 72 9.15 -17.20 1.55
CA ARG A 72 9.32 -18.60 1.91
C ARG A 72 9.56 -19.42 0.65
N ASP A 73 10.04 -20.65 0.87
CA ASP A 73 10.37 -21.59 -0.19
C ASP A 73 9.72 -22.92 0.15
N ASN A 74 8.57 -23.20 -0.47
CA ASN A 74 7.87 -24.48 -0.29
C ASN A 74 7.58 -24.80 1.17
N TYR A 77 10.12 -25.56 3.11
CA TYR A 77 9.97 -25.63 4.56
C TYR A 77 10.78 -24.53 5.22
N LEU A 78 11.28 -23.61 4.39
CA LEU A 78 12.12 -22.51 4.83
C LEU A 78 11.37 -21.19 4.69
N VAL A 79 11.60 -20.28 5.63
CA VAL A 79 11.13 -18.90 5.56
C VAL A 79 12.37 -18.01 5.57
N TYR A 80 12.42 -17.06 4.63
CA TYR A 80 13.58 -16.21 4.47
C TYR A 80 13.27 -14.78 4.91
N LEU A 81 14.29 -14.13 5.47
CA LEU A 81 14.25 -12.71 5.78
C LEU A 81 15.45 -12.06 5.10
N GLN A 82 15.20 -11.36 3.99
CA GLN A 82 16.25 -10.66 3.26
C GLN A 82 16.40 -9.26 3.84
N MET A 83 17.59 -8.98 4.37
CA MET A 83 17.86 -7.72 5.04
C MET A 83 18.85 -6.92 4.19
N ASN A 84 18.40 -5.78 3.67
CA ASN A 84 19.24 -4.89 2.89
C ASN A 84 19.40 -3.56 3.63
N SER A 85 20.43 -2.82 3.24
CA SER A 85 20.74 -1.52 3.83
C SER A 85 20.81 -1.61 5.35
N LEU A 86 21.52 -2.63 5.82
CA LEU A 86 21.60 -2.88 7.25
C LEU A 86 22.26 -1.72 7.98
N ARG A 87 21.78 -1.44 9.19
CA ARG A 87 22.28 -0.38 10.03
C ARG A 87 22.67 -0.95 11.38
N ALA A 88 23.40 -0.16 12.16
CA ALA A 88 23.79 -0.59 13.50
C ALA A 88 22.59 -0.91 14.36
N GLU A 89 21.49 -0.18 14.17
CA GLU A 89 20.26 -0.43 14.94
C GLU A 89 19.69 -1.82 14.67
N ASP A 90 20.07 -2.45 13.56
CA ASP A 90 19.57 -3.78 13.24
C ASP A 90 20.32 -4.88 13.99
N THR A 91 21.40 -4.55 14.69
CA THR A 91 22.14 -5.53 15.47
C THR A 91 21.23 -6.13 16.54
N ALA A 92 21.07 -7.45 16.51
CA ALA A 92 20.11 -8.12 17.39
C ALA A 92 20.19 -9.63 17.16
N VAL A 93 19.64 -10.37 18.11
CA VAL A 93 19.32 -11.78 17.90
C VAL A 93 17.98 -11.84 17.19
N TYR A 94 17.91 -12.61 16.11
CA TYR A 94 16.70 -12.74 15.31
C TYR A 94 16.08 -14.10 15.57
N TYR A 95 14.85 -14.09 16.09
CA TYR A 95 14.07 -15.31 16.27
C TYR A 95 12.99 -15.39 15.21
N CYS A 96 12.60 -16.61 14.88
CA CYS A 96 11.36 -16.84 14.14
C CYS A 96 10.38 -17.57 15.04
N ALA A 97 9.09 -17.29 14.84
CA ALA A 97 8.06 -17.83 15.71
C ALA A 97 6.81 -18.07 14.90
N ALA A 98 6.20 -19.23 15.08
CA ALA A 98 5.00 -19.59 14.34
C ALA A 98 3.75 -19.18 15.11
N GLU A 99 2.72 -18.80 14.36
CA GLU A 99 1.42 -18.49 14.93
C GLU A 99 0.42 -19.54 14.46
N GLU A 100 -0.25 -20.18 15.41
CA GLU A 100 -1.25 -21.19 15.10
C GLU A 100 -2.64 -20.55 15.06
N GLY A 101 -3.65 -21.34 14.66
CA GLY A 101 -5.01 -20.86 14.62
C GLY A 101 -5.67 -20.66 15.97
N ASP A 102 -4.95 -20.90 17.06
CA ASP A 102 -5.43 -20.58 18.40
C ASP A 102 -4.22 -20.19 19.23
N GLY A 103 -4.49 -19.68 20.44
CA GLY A 103 -3.40 -19.23 21.28
C GLY A 103 -3.06 -17.78 21.02
N GLY A 104 -1.76 -17.46 21.03
CA GLY A 104 -1.30 -16.10 20.91
C GLY A 104 -0.60 -15.81 19.60
N PHE A 105 0.02 -14.63 19.54
CA PHE A 105 0.70 -14.22 18.31
C PHE A 105 1.89 -15.11 18.00
N PHE A 106 2.60 -15.58 19.04
CA PHE A 106 3.84 -16.35 18.88
C PHE A 106 3.73 -17.60 19.76
N ASP A 107 3.28 -18.71 19.14
CA ASP A 107 2.92 -19.89 19.90
C ASP A 107 4.12 -20.78 20.20
N TYR A 108 5.10 -20.82 19.31
CA TYR A 108 6.37 -21.48 19.62
C TYR A 108 7.47 -20.79 18.84
N TRP A 109 8.70 -20.92 19.35
CA TRP A 109 9.83 -20.11 18.92
C TRP A 109 11.01 -20.99 18.51
N GLY A 110 11.95 -20.38 17.80
CA GLY A 110 13.23 -21.00 17.51
C GLY A 110 14.26 -20.68 18.59
N GLN A 111 15.53 -20.80 18.22
CA GLN A 111 16.62 -20.57 19.16
C GLN A 111 17.28 -19.20 19.00
N GLY A 112 17.24 -18.62 17.81
CA GLY A 112 17.84 -17.32 17.59
C GLY A 112 19.15 -17.37 16.84
N THR A 113 19.39 -16.38 15.99
CA THR A 113 20.66 -16.21 15.29
C THR A 113 21.06 -14.75 15.41
N LEU A 114 22.32 -14.52 15.75
CA LEU A 114 22.81 -13.17 16.04
C LEU A 114 23.28 -12.47 14.77
N VAL A 115 22.76 -11.27 14.54
CA VAL A 115 23.20 -10.40 13.46
C VAL A 115 23.90 -9.19 14.08
N THR A 116 25.17 -9.00 13.74
CA THR A 116 25.94 -7.85 14.22
C THR A 116 26.29 -6.97 13.02
N VAL A 117 25.87 -5.72 13.07
CA VAL A 117 26.15 -4.75 12.02
C VAL A 117 27.16 -3.75 12.54
N SER A 118 28.33 -3.70 11.92
CA SER A 118 29.41 -2.82 12.36
C SER A 118 29.27 -1.45 11.71
N SER A 119 29.54 -0.42 12.50
CA SER A 119 29.46 0.96 12.03
C SER A 119 30.81 1.43 11.47
N VAL A 144 2.58 2.35 20.94
CA VAL A 144 3.52 1.97 21.98
C VAL A 144 2.77 1.54 23.24
N LEU A 145 3.22 0.43 23.83
CA LEU A 145 2.62 -0.14 25.04
C LEU A 145 3.62 0.03 26.17
N THR A 146 3.28 0.86 27.15
CA THR A 146 4.21 1.21 28.22
C THR A 146 3.99 0.29 29.41
N GLN A 147 5.09 -0.24 29.95
CA GLN A 147 5.12 -1.05 31.16
C GLN A 147 6.07 -0.41 32.14
N PRO A 148 5.91 -0.68 33.44
CA PRO A 148 6.94 -0.29 34.40
C PRO A 148 8.24 -1.00 34.09
N PRO A 149 9.36 -0.28 34.12
CA PRO A 149 10.64 -0.91 33.75
C PRO A 149 11.00 -2.09 34.64
N SER A 150 10.61 -2.07 35.90
CA SER A 150 11.00 -3.12 36.82
C SER A 150 9.91 -3.34 37.85
N ALA A 151 9.95 -4.52 38.46
CA ALA A 151 9.06 -4.89 39.56
C ALA A 151 9.76 -5.94 40.40
N SER A 152 9.31 -6.10 41.64
CA SER A 152 9.94 -7.05 42.54
C SER A 152 8.93 -7.55 43.56
N GLY A 153 9.31 -8.62 44.24
CA GLY A 153 8.50 -9.20 45.29
C GLY A 153 9.27 -10.29 45.98
N THR A 154 8.72 -10.74 47.11
CA THR A 154 9.26 -11.85 47.86
C THR A 154 8.49 -13.12 47.54
N PRO A 155 9.08 -14.29 47.78
CA PRO A 155 8.35 -15.55 47.53
C PRO A 155 7.01 -15.59 48.24
N GLY A 156 5.96 -15.91 47.47
CA GLY A 156 4.61 -15.94 47.98
C GLY A 156 3.85 -14.65 47.80
N GLN A 157 4.52 -13.56 47.44
CA GLN A 157 3.85 -12.28 47.27
C GLN A 157 3.07 -12.24 45.97
N ARG A 158 2.03 -11.41 45.93
CA ARG A 158 1.29 -11.16 44.71
C ARG A 158 1.85 -9.92 44.03
N VAL A 159 2.19 -10.05 42.76
CA VAL A 159 2.80 -8.98 41.98
C VAL A 159 1.95 -8.75 40.74
N THR A 160 1.70 -7.49 40.42
CA THR A 160 0.97 -7.11 39.22
C THR A 160 1.85 -6.25 38.34
N ILE A 161 1.76 -6.49 37.03
CA ILE A 161 2.51 -5.74 36.02
C ILE A 161 1.51 -5.11 35.08
N SER A 162 1.59 -3.80 34.92
CA SER A 162 0.62 -3.06 34.12
C SER A 162 1.11 -2.93 32.67
N CYS A 163 0.14 -2.70 31.78
CA CYS A 163 0.41 -2.48 30.37
C CYS A 163 -0.55 -1.39 29.89
N SER A 164 -0.02 -0.21 29.62
CA SER A 164 -0.83 0.95 29.23
C SER A 164 -0.74 1.15 27.72
N GLY A 165 -1.88 1.01 27.04
CA GLY A 165 -1.92 1.18 25.60
C GLY A 165 -2.86 2.28 25.14
N SER A 166 -3.43 2.14 23.95
CA SER A 166 -4.31 3.14 23.38
C SER A 166 -5.53 2.44 22.77
N SER A 167 -6.40 3.25 22.17
CA SER A 167 -7.60 2.69 21.54
C SER A 167 -7.26 1.84 20.32
N SER A 168 -6.17 2.17 19.62
CA SER A 168 -5.86 1.48 18.38
C SER A 168 -5.29 0.08 18.62
N ASN A 169 -4.69 -0.15 19.78
CA ASN A 169 -4.12 -1.47 20.06
C ASN A 169 -4.94 -2.22 21.10
N ILE A 170 -4.70 -1.94 22.38
CA ILE A 170 -5.39 -2.65 23.45
C ILE A 170 -6.90 -2.40 23.37
N GLY A 171 -7.30 -1.17 23.07
CA GLY A 171 -8.71 -0.87 22.96
C GLY A 171 -9.41 -1.55 21.80
N SER A 172 -8.66 -2.10 20.85
CA SER A 172 -9.24 -2.70 19.66
C SER A 172 -8.91 -4.18 19.47
N ASN A 173 -7.92 -4.71 20.17
CA ASN A 173 -7.44 -6.06 19.90
C ASN A 173 -7.11 -6.78 21.20
N TYR A 174 -6.94 -8.09 21.10
CA TYR A 174 -6.58 -8.92 22.24
C TYR A 174 -5.18 -8.58 22.73
N VAL A 175 -4.92 -8.89 23.99
CA VAL A 175 -3.62 -8.70 24.62
C VAL A 175 -2.96 -10.06 24.80
N ASN A 176 -1.64 -10.10 24.63
CA ASN A 176 -0.82 -11.25 24.96
C ASN A 176 0.18 -10.88 26.05
N TRP A 177 0.69 -11.89 26.74
CA TRP A 177 1.80 -11.71 27.66
C TRP A 177 2.86 -12.76 27.35
N TYR A 178 4.13 -12.34 27.41
CA TYR A 178 5.25 -13.23 27.11
C TYR A 178 6.28 -13.16 28.23
N GLN A 179 6.83 -14.32 28.58
CA GLN A 179 7.84 -14.44 29.61
C GLN A 179 9.16 -14.84 28.96
N GLN A 180 10.24 -14.16 29.35
CA GLN A 180 11.56 -14.46 28.81
C GLN A 180 12.56 -14.61 29.94
N LEU A 181 13.14 -15.79 30.07
CA LEU A 181 14.25 -16.05 30.97
C LEU A 181 15.56 -15.60 30.32
N PRO A 182 16.60 -15.36 31.12
CA PRO A 182 17.85 -14.82 30.56
C PRO A 182 18.44 -15.71 29.48
N GLY A 183 18.79 -15.09 28.35
CA GLY A 183 19.46 -15.76 27.26
C GLY A 183 18.64 -16.77 26.50
N THR A 184 17.32 -16.81 26.71
CA THR A 184 16.47 -17.79 26.06
C THR A 184 15.34 -17.10 25.32
N ALA A 185 14.74 -17.84 24.38
CA ALA A 185 13.62 -17.31 23.63
C ALA A 185 12.42 -17.11 24.54
N PRO A 186 11.61 -16.08 24.28
CA PRO A 186 10.40 -15.86 25.08
C PRO A 186 9.41 -17.00 24.88
N LYS A 187 8.43 -17.06 25.79
CA LYS A 187 7.38 -18.05 25.70
C LYS A 187 6.04 -17.38 25.96
N LEU A 188 5.01 -17.88 25.28
CA LEU A 188 3.67 -17.35 25.48
C LEU A 188 3.18 -17.69 26.89
N LEU A 189 2.76 -16.66 27.63
CA LEU A 189 2.23 -16.84 28.97
C LEU A 189 0.71 -16.69 29.02
N ILE A 190 0.18 -15.65 28.37
CA ILE A 190 -1.24 -15.36 28.37
C ILE A 190 -1.66 -14.96 26.96
N TYR A 191 -2.75 -15.52 26.47
CA TYR A 191 -3.33 -15.11 25.19
C TYR A 191 -4.81 -14.82 25.39
N ARG A 192 -5.36 -14.02 24.46
CA ARG A 192 -6.76 -13.62 24.51
C ARG A 192 -7.10 -12.99 25.85
N ASN A 193 -6.25 -12.04 26.26
CA ASN A 193 -6.41 -11.25 27.49
C ASN A 193 -6.19 -12.06 28.76
N ASN A 194 -6.81 -13.23 28.88
CA ASN A 194 -6.81 -13.90 30.19
C ASN A 194 -6.74 -15.42 30.11
N GLU A 195 -6.29 -15.99 29.00
CA GLU A 195 -6.25 -17.44 28.85
C GLU A 195 -4.80 -17.93 28.85
N ARG A 196 -4.58 -19.09 29.48
CA ARG A 196 -3.26 -19.68 29.66
C ARG A 196 -3.08 -20.86 28.72
N PRO A 197 -1.97 -20.95 28.00
CA PRO A 197 -1.67 -22.16 27.25
C PRO A 197 -1.24 -23.28 28.19
N SER A 198 -1.13 -24.48 27.63
CA SER A 198 -0.70 -25.62 28.43
C SER A 198 0.72 -25.40 28.95
N GLY A 199 0.93 -25.77 30.21
CA GLY A 199 2.23 -25.62 30.83
C GLY A 199 2.42 -24.33 31.61
N VAL A 200 1.44 -23.43 31.59
CA VAL A 200 1.51 -22.17 32.33
C VAL A 200 0.69 -22.35 33.61
N PRO A 201 1.29 -22.19 34.79
CA PRO A 201 0.55 -22.41 36.03
C PRO A 201 -0.55 -21.37 36.22
N ASP A 202 -1.56 -21.77 36.99
CA ASP A 202 -2.69 -20.88 37.28
C ASP A 202 -2.29 -19.70 38.16
N ARG A 203 -1.07 -19.68 38.68
CA ARG A 203 -0.60 -18.50 39.41
C ARG A 203 -0.54 -17.27 38.52
N PHE A 204 -0.44 -17.45 37.20
CA PHE A 204 -0.43 -16.35 36.25
C PHE A 204 -1.84 -16.09 35.76
N SER A 205 -2.26 -14.83 35.78
CA SER A 205 -3.55 -14.42 35.26
C SER A 205 -3.42 -13.06 34.62
N GLY A 206 -4.22 -12.83 33.58
CA GLY A 206 -4.22 -11.55 32.90
C GLY A 206 -5.60 -10.93 32.87
N SER A 207 -5.67 -9.62 32.64
CA SER A 207 -6.94 -8.92 32.53
C SER A 207 -6.74 -7.70 31.66
N LYS A 208 -7.86 -7.18 31.14
CA LYS A 208 -7.85 -6.04 30.24
C LYS A 208 -9.07 -5.18 30.51
N SER A 209 -8.86 -3.86 30.60
CA SER A 209 -9.94 -2.91 30.81
C SER A 209 -9.67 -1.65 30.01
N GLY A 210 -10.52 -1.38 29.04
CA GLY A 210 -10.35 -0.16 28.26
C GLY A 210 -9.11 -0.25 27.39
N THR A 211 -8.16 0.66 27.63
CA THR A 211 -6.90 0.66 26.89
C THR A 211 -5.72 0.24 27.75
N SER A 212 -5.97 -0.52 28.81
CA SER A 212 -4.92 -0.98 29.70
C SER A 212 -5.10 -2.47 29.97
N ALA A 213 -3.99 -3.11 30.32
CA ALA A 213 -3.99 -4.53 30.64
C ALA A 213 -3.03 -4.76 31.80
N SER A 214 -3.18 -5.92 32.44
CA SER A 214 -2.42 -6.20 33.65
C SER A 214 -2.15 -7.70 33.74
N LEU A 215 -0.92 -8.03 34.13
CA LEU A 215 -0.54 -9.40 34.44
C LEU A 215 -0.40 -9.52 35.96
N ALA A 216 -0.98 -10.57 36.53
CA ALA A 216 -0.94 -10.82 37.96
C ALA A 216 -0.28 -12.17 38.22
N ILE A 217 0.67 -12.18 39.15
CA ILE A 217 1.36 -13.39 39.57
C ILE A 217 1.10 -13.55 41.06
N SER A 218 0.21 -14.48 41.42
CA SER A 218 -0.05 -14.80 42.81
C SER A 218 0.92 -15.89 43.26
N GLY A 219 1.35 -15.80 44.51
CA GLY A 219 2.29 -16.77 45.04
C GLY A 219 3.59 -16.79 44.27
N LEU A 220 4.27 -15.65 44.25
CA LEU A 220 5.50 -15.48 43.49
C LEU A 220 6.51 -16.56 43.86
N ARG A 221 7.06 -17.23 42.85
CA ARG A 221 8.08 -18.26 43.02
C ARG A 221 9.41 -17.76 42.47
N SER A 222 10.49 -18.40 42.93
CA SER A 222 11.83 -17.97 42.51
C SER A 222 12.01 -18.11 41.00
N GLU A 223 11.41 -19.14 40.40
CA GLU A 223 11.52 -19.33 38.96
C GLU A 223 10.81 -18.25 38.15
N ASP A 224 10.02 -17.39 38.80
CA ASP A 224 9.30 -16.33 38.09
C ASP A 224 10.18 -15.13 37.77
N GLU A 225 11.42 -15.11 38.26
CA GLU A 225 12.34 -14.01 37.96
C GLU A 225 12.67 -14.04 36.47
N ALA A 226 12.19 -13.04 35.74
CA ALA A 226 12.29 -13.00 34.29
C ALA A 226 11.83 -11.64 33.80
N ASP A 227 11.86 -11.45 32.47
CA ASP A 227 11.29 -10.30 31.83
C ASP A 227 9.90 -10.65 31.31
N TYR A 228 8.97 -9.70 31.41
CA TYR A 228 7.57 -9.91 31.01
C TYR A 228 7.18 -8.81 30.03
N TYR A 229 6.64 -9.21 28.88
CA TYR A 229 6.22 -8.30 27.82
C TYR A 229 4.74 -8.50 27.55
N CYS A 230 3.98 -7.42 27.61
CA CYS A 230 2.64 -7.43 27.03
C CYS A 230 2.74 -7.18 25.54
N ALA A 231 1.66 -7.51 24.82
CA ALA A 231 1.68 -7.41 23.37
C ALA A 231 0.25 -7.23 22.86
N ALA A 232 0.09 -6.35 21.87
CA ALA A 232 -1.20 -6.11 21.25
C ALA A 232 -0.99 -5.48 19.88
N TRP A 233 -1.69 -6.00 18.87
CA TRP A 233 -1.56 -5.47 17.52
C TRP A 233 -2.36 -4.19 17.36
N ASP A 234 -1.86 -3.30 16.50
CA ASP A 234 -2.50 -2.02 16.25
C ASP A 234 -3.45 -2.13 15.07
N GLY A 235 -4.69 -1.66 15.25
CA GLY A 235 -5.69 -1.75 14.19
C GLY A 235 -5.58 -0.67 13.13
N SER A 236 -4.94 0.46 13.45
CA SER A 236 -4.75 1.51 12.47
C SER A 236 -3.48 1.29 11.67
N LEU A 237 -2.35 1.77 12.18
CA LEU A 237 -1.04 1.58 11.54
C LEU A 237 -0.34 0.45 12.29
N SER A 238 -0.46 -0.76 11.75
CA SER A 238 0.08 -1.94 12.42
C SER A 238 1.60 -2.02 12.35
N GLY A 239 2.24 -1.22 11.51
CA GLY A 239 3.69 -1.19 11.46
C GLY A 239 4.35 -0.49 12.63
N ARG A 240 3.57 0.00 13.60
CA ARG A 240 4.14 0.74 14.71
C ARG A 240 4.89 -0.19 15.67
N GLY A 241 4.25 -1.25 16.09
CA GLY A 241 4.84 -2.18 17.03
C GLY A 241 3.78 -2.98 17.73
N VAL A 242 4.22 -4.10 18.31
CA VAL A 242 3.30 -5.01 18.97
C VAL A 242 3.67 -5.20 20.44
N PHE A 243 4.96 -5.13 20.75
CA PHE A 243 5.42 -5.47 22.09
C PHE A 243 5.35 -4.28 23.04
N GLY A 244 5.10 -4.58 24.30
CA GLY A 244 5.26 -3.59 25.35
C GLY A 244 6.72 -3.31 25.63
N THR A 245 6.96 -2.31 26.48
CA THR A 245 8.32 -1.94 26.80
C THR A 245 9.03 -2.99 27.64
N GLY A 246 8.29 -3.86 28.30
CA GLY A 246 8.97 -4.90 29.06
C GLY A 246 9.19 -4.52 30.51
N THR A 247 9.08 -5.52 31.38
CA THR A 247 9.25 -5.35 32.81
C THR A 247 10.19 -6.43 33.33
N LYS A 248 11.25 -6.01 34.00
CA LYS A 248 12.18 -6.93 34.64
C LYS A 248 11.69 -7.21 36.06
N LEU A 249 11.38 -8.47 36.35
CA LEU A 249 10.88 -8.89 37.65
C LEU A 249 11.98 -9.63 38.38
N THR A 250 12.40 -9.10 39.53
CA THR A 250 13.36 -9.76 40.41
C THR A 250 12.66 -10.26 41.66
N VAL A 251 13.11 -11.41 42.16
CA VAL A 251 12.58 -12.02 43.37
C VAL A 251 13.65 -11.96 44.44
N LEU A 252 13.33 -11.32 45.56
CA LEU A 252 14.26 -11.20 46.68
C LEU A 252 14.13 -12.44 47.56
N GLU A 253 15.13 -13.32 47.51
CA GLU A 253 15.09 -14.56 48.26
C GLU A 253 15.49 -14.35 49.72
N GLN B 1 -14.18 -33.64 12.70
CA GLN B 1 -14.22 -32.56 11.71
C GLN B 1 -15.15 -31.44 12.19
N VAL B 2 -14.73 -30.19 11.95
CA VAL B 2 -15.54 -29.04 12.30
C VAL B 2 -16.68 -28.89 11.30
N GLN B 3 -17.88 -28.63 11.81
CA GLN B 3 -19.05 -28.39 10.98
C GLN B 3 -19.41 -26.91 11.00
N LEU B 4 -19.76 -26.37 9.84
CA LEU B 4 -20.13 -24.96 9.70
C LEU B 4 -21.59 -24.87 9.29
N VAL B 5 -22.35 -24.03 9.99
CA VAL B 5 -23.77 -23.83 9.72
C VAL B 5 -24.03 -22.33 9.63
N GLU B 6 -24.49 -21.88 8.46
CA GLU B 6 -24.88 -20.49 8.28
C GLU B 6 -26.35 -20.30 8.64
N SER B 7 -26.69 -19.10 9.08
CA SER B 7 -28.07 -18.76 9.38
C SER B 7 -28.27 -17.27 9.22
N GLY B 8 -29.53 -16.85 9.16
CA GLY B 8 -29.89 -15.46 9.06
C GLY B 8 -30.35 -15.00 7.69
N GLY B 9 -30.36 -15.88 6.70
CA GLY B 9 -30.76 -15.49 5.36
C GLY B 9 -32.26 -15.34 5.22
N GLY B 10 -32.66 -14.65 4.16
CA GLY B 10 -34.07 -14.46 3.88
C GLY B 10 -34.27 -13.33 2.89
N LEU B 11 -35.51 -12.85 2.82
CA LEU B 11 -35.87 -11.75 1.95
C LEU B 11 -35.70 -10.43 2.70
N VAL B 12 -35.21 -9.42 1.99
CA VAL B 12 -35.00 -8.09 2.58
C VAL B 12 -35.18 -7.06 1.48
N GLN B 13 -35.73 -5.91 1.84
CA GLN B 13 -35.96 -4.84 0.88
C GLN B 13 -34.67 -4.12 0.54
N ALA B 14 -34.58 -3.63 -0.70
CA ALA B 14 -33.41 -2.89 -1.12
C ALA B 14 -33.15 -1.72 -0.18
N GLY B 15 -31.86 -1.49 0.12
CA GLY B 15 -31.49 -0.51 1.12
C GLY B 15 -31.57 -1.00 2.54
N GLY B 16 -32.09 -2.21 2.78
CA GLY B 16 -32.21 -2.74 4.12
C GLY B 16 -30.91 -3.31 4.65
N SER B 17 -31.01 -3.90 5.84
CA SER B 17 -29.87 -4.48 6.54
C SER B 17 -30.16 -5.94 6.88
N LEU B 18 -29.08 -6.70 7.05
CA LEU B 18 -29.19 -8.12 7.34
C LEU B 18 -27.87 -8.60 7.92
N ARG B 19 -27.94 -9.39 8.99
CA ARG B 19 -26.77 -9.99 9.60
C ARG B 19 -26.84 -11.50 9.47
N LEU B 20 -25.82 -12.09 8.87
CA LEU B 20 -25.71 -13.54 8.77
C LEU B 20 -24.80 -14.05 9.88
N SER B 21 -25.03 -15.30 10.29
CA SER B 21 -24.23 -15.96 11.30
C SER B 21 -23.64 -17.24 10.73
N CYS B 22 -22.36 -17.48 11.02
CA CYS B 22 -21.69 -18.73 10.70
C CYS B 22 -21.30 -19.39 12.01
N ALA B 23 -21.84 -20.58 12.27
CA ALA B 23 -21.63 -21.29 13.53
C ALA B 23 -20.73 -22.49 13.31
N ALA B 24 -19.62 -22.55 14.04
CA ALA B 24 -18.72 -23.69 13.99
C ALA B 24 -19.06 -24.66 15.11
N SER B 25 -19.00 -25.96 14.80
CA SER B 25 -19.42 -26.97 15.76
C SER B 25 -18.47 -27.06 16.94
N ARG B 26 -17.20 -26.73 16.74
CA ARG B 26 -16.21 -26.80 17.81
C ARG B 26 -15.01 -25.95 17.44
N ARG B 27 -14.23 -25.59 18.45
CA ARG B 27 -13.00 -24.83 18.22
C ARG B 27 -11.94 -25.73 17.60
N SER B 28 -11.02 -25.10 16.87
CA SER B 28 -9.96 -25.86 16.21
C SER B 28 -8.73 -24.96 16.07
N SER B 29 -7.58 -25.49 16.45
CA SER B 29 -6.32 -24.77 16.27
C SER B 29 -5.84 -24.76 14.83
N ARG B 30 -6.45 -25.57 13.95
CA ARG B 30 -6.03 -25.60 12.56
C ARG B 30 -6.63 -24.44 11.77
N SER B 31 -7.89 -24.09 12.05
CA SER B 31 -8.54 -23.01 11.33
C SER B 31 -8.06 -21.67 11.87
N TRP B 32 -7.63 -20.79 10.98
CA TRP B 32 -7.14 -19.48 11.36
C TRP B 32 -7.93 -18.33 10.75
N ALA B 33 -8.81 -18.61 9.79
CA ALA B 33 -9.61 -17.56 9.17
C ALA B 33 -10.96 -18.14 8.77
N MET B 34 -11.96 -17.27 8.75
CA MET B 34 -13.30 -17.62 8.29
C MET B 34 -13.67 -16.69 7.14
N HIS B 35 -13.94 -17.27 5.98
CA HIS B 35 -14.32 -16.52 4.79
C HIS B 35 -15.83 -16.54 4.60
N TRP B 36 -16.33 -15.54 3.88
CA TRP B 36 -17.67 -15.55 3.31
C TRP B 36 -17.54 -15.55 1.79
N VAL B 37 -18.24 -16.47 1.13
CA VAL B 37 -18.26 -16.57 -0.32
C VAL B 37 -19.71 -16.64 -0.75
N ARG B 38 -20.07 -15.85 -1.77
CA ARG B 38 -21.44 -15.79 -2.23
C ARG B 38 -21.53 -16.16 -3.70
N GLN B 39 -22.76 -16.43 -4.14
CA GLN B 39 -23.00 -16.88 -5.51
C GLN B 39 -24.41 -16.50 -5.90
N ALA B 40 -24.54 -15.59 -6.86
CA ALA B 40 -25.85 -15.30 -7.40
C ALA B 40 -26.36 -16.50 -8.20
N PRO B 41 -27.67 -16.71 -8.24
CA PRO B 41 -28.21 -17.86 -8.97
C PRO B 41 -27.72 -17.90 -10.41
N GLY B 42 -27.19 -19.05 -10.81
CA GLY B 42 -26.67 -19.24 -12.15
C GLY B 42 -25.37 -18.54 -12.46
N LYS B 43 -24.76 -17.85 -11.49
CA LYS B 43 -23.54 -17.10 -11.70
C LYS B 43 -22.36 -17.80 -11.02
N GLY B 44 -21.19 -17.16 -11.08
CA GLY B 44 -20.00 -17.72 -10.50
C GLY B 44 -19.84 -17.37 -9.02
N LEU B 45 -18.82 -17.97 -8.41
CA LEU B 45 -18.51 -17.71 -7.03
C LEU B 45 -17.79 -16.37 -6.89
N GLU B 46 -18.08 -15.66 -5.79
CA GLU B 46 -17.44 -14.38 -5.53
C GLU B 46 -17.06 -14.32 -4.06
N TRP B 47 -15.77 -14.19 -3.79
CA TRP B 47 -15.31 -14.00 -2.42
C TRP B 47 -15.81 -12.68 -1.86
N VAL B 48 -16.21 -12.69 -0.59
CA VAL B 48 -16.84 -11.53 0.05
C VAL B 48 -15.93 -10.92 1.12
N ALA B 49 -15.57 -11.70 2.14
CA ALA B 49 -14.82 -11.16 3.27
C ALA B 49 -14.15 -12.29 4.03
N VAL B 50 -13.18 -11.92 4.87
CA VAL B 50 -12.45 -12.86 5.71
C VAL B 50 -12.12 -12.20 7.03
N ILE B 51 -12.08 -12.98 8.11
CA ILE B 51 -11.68 -12.51 9.43
C ILE B 51 -10.82 -13.57 10.10
N SER B 52 -9.70 -13.14 10.69
CA SER B 52 -8.80 -14.09 11.33
C SER B 52 -9.40 -14.58 12.65
N TYR B 53 -8.82 -15.69 13.15
CA TYR B 53 -9.34 -16.32 14.36
C TYR B 53 -9.38 -15.36 15.55
N ASP B 54 -8.47 -14.38 15.58
CA ASP B 54 -8.41 -13.42 16.68
C ASP B 54 -9.06 -12.08 16.34
N GLY B 55 -9.66 -11.96 15.16
CA GLY B 55 -10.36 -10.76 14.77
C GLY B 55 -9.49 -9.61 14.29
N ARG B 56 -8.16 -9.77 14.32
CA ARG B 56 -7.29 -8.64 14.03
C ARG B 56 -7.09 -8.39 12.54
N LEU B 57 -7.33 -9.39 11.70
CA LEU B 57 -7.24 -9.23 10.25
C LEU B 57 -8.64 -9.31 9.65
N LYS B 58 -9.01 -8.29 8.88
CA LYS B 58 -10.28 -8.25 8.18
C LYS B 58 -10.07 -7.72 6.78
N TYR B 59 -10.59 -8.42 5.77
CA TYR B 59 -10.50 -8.00 4.39
C TYR B 59 -11.86 -8.17 3.73
N TYR B 60 -12.14 -7.29 2.77
CA TYR B 60 -13.42 -7.26 2.07
C TYR B 60 -13.19 -7.15 0.57
N ALA B 61 -14.11 -7.71 -0.20
CA ALA B 61 -14.13 -7.44 -1.63
C ALA B 61 -14.53 -6.00 -1.87
N ASP B 62 -14.04 -5.44 -2.98
CA ASP B 62 -14.30 -4.03 -3.29
C ASP B 62 -15.79 -3.76 -3.47
N SER B 63 -16.54 -4.72 -4.01
CA SER B 63 -17.97 -4.52 -4.24
C SER B 63 -18.78 -4.46 -2.96
N VAL B 64 -18.21 -4.85 -1.82
CA VAL B 64 -18.93 -4.84 -0.54
C VAL B 64 -18.26 -3.96 0.50
N LYS B 65 -17.09 -3.39 0.19
CA LYS B 65 -16.38 -2.54 1.14
C LYS B 65 -17.25 -1.36 1.55
N GLY B 66 -17.27 -1.07 2.85
CA GLY B 66 -18.06 0.02 3.38
C GLY B 66 -19.50 -0.33 3.70
N ARG B 67 -20.06 -1.33 3.02
CA ARG B 67 -21.42 -1.76 3.29
C ARG B 67 -21.49 -3.00 4.17
N PHE B 68 -20.54 -3.91 4.04
CA PHE B 68 -20.51 -5.14 4.83
C PHE B 68 -19.47 -5.02 5.94
N THR B 69 -19.77 -5.65 7.08
CA THR B 69 -18.87 -5.67 8.22
C THR B 69 -18.77 -7.08 8.74
N ILE B 70 -17.56 -7.62 8.79
CA ILE B 70 -17.33 -8.96 9.33
C ILE B 70 -16.82 -8.81 10.76
N SER B 71 -17.30 -9.67 11.66
CA SER B 71 -16.95 -9.59 13.06
C SER B 71 -17.02 -10.97 13.68
N ARG B 72 -16.53 -11.07 14.91
CA ARG B 72 -16.43 -12.33 15.62
C ARG B 72 -17.06 -12.20 17.00
N ASP B 73 -17.52 -13.35 17.52
CA ASP B 73 -18.03 -13.47 18.89
C ASP B 73 -17.35 -14.71 19.46
N ASN B 74 -16.19 -14.52 20.11
CA ASN B 74 -15.42 -15.65 20.60
C ASN B 74 -16.16 -16.42 21.68
N ALA B 75 -17.02 -15.74 22.46
CA ALA B 75 -17.75 -16.42 23.51
C ALA B 75 -18.68 -17.49 22.96
N GLU B 76 -19.46 -17.15 21.93
CA GLU B 76 -20.34 -18.10 21.28
C GLU B 76 -19.71 -18.76 20.06
N TYR B 77 -18.46 -18.41 19.74
CA TYR B 77 -17.74 -18.96 18.58
C TYR B 77 -18.54 -18.80 17.29
N LEU B 78 -19.00 -17.57 17.06
CA LEU B 78 -19.77 -17.23 15.88
C LEU B 78 -19.03 -16.17 15.08
N VAL B 79 -19.17 -16.25 13.76
CA VAL B 79 -18.71 -15.22 12.83
C VAL B 79 -19.93 -14.54 12.23
N TYR B 80 -19.96 -13.22 12.30
CA TYR B 80 -21.08 -12.44 11.79
C TYR B 80 -20.68 -11.69 10.53
N LEU B 81 -21.66 -11.55 9.63
CA LEU B 81 -21.52 -10.70 8.44
C LEU B 81 -22.69 -9.72 8.46
N GLN B 82 -22.41 -8.48 8.85
CA GLN B 82 -23.41 -7.42 8.88
C GLN B 82 -23.47 -6.78 7.50
N MET B 83 -24.61 -6.93 6.82
CA MET B 83 -24.79 -6.44 5.45
C MET B 83 -25.74 -5.25 5.48
N ASN B 84 -25.23 -4.07 5.17
CA ASN B 84 -26.01 -2.84 5.14
C ASN B 84 -26.10 -2.31 3.71
N SER B 85 -27.10 -1.47 3.48
CA SER B 85 -27.32 -0.84 2.18
C SER B 85 -27.40 -1.90 1.07
N LEU B 86 -28.19 -2.94 1.34
CA LEU B 86 -28.29 -4.07 0.41
C LEU B 86 -28.92 -3.63 -0.89
N ARG B 87 -28.44 -4.21 -1.99
CA ARG B 87 -28.95 -3.94 -3.32
C ARG B 87 -29.21 -5.26 -4.03
N ALA B 88 -29.83 -5.16 -5.22
CA ALA B 88 -30.22 -6.37 -5.95
C ALA B 88 -29.00 -7.23 -6.31
N GLU B 89 -27.85 -6.61 -6.55
CA GLU B 89 -26.64 -7.37 -6.86
C GLU B 89 -26.21 -8.27 -5.71
N ASP B 90 -26.69 -8.01 -4.49
CA ASP B 90 -26.30 -8.80 -3.33
C ASP B 90 -27.14 -10.05 -3.14
N THR B 91 -28.17 -10.26 -3.96
CA THR B 91 -28.96 -11.48 -3.90
C THR B 91 -28.08 -12.67 -4.27
N ALA B 92 -27.95 -13.62 -3.35
CA ALA B 92 -27.03 -14.73 -3.54
C ALA B 92 -27.19 -15.72 -2.39
N VAL B 93 -26.72 -16.95 -2.62
CA VAL B 93 -26.45 -17.89 -1.54
C VAL B 93 -25.11 -17.50 -0.91
N TYR B 94 -25.10 -17.34 0.41
CA TYR B 94 -23.91 -16.92 1.14
C TYR B 94 -23.35 -18.11 1.91
N TYR B 95 -22.13 -18.51 1.57
CA TYR B 95 -21.41 -19.56 2.27
C TYR B 95 -20.35 -18.96 3.18
N CYS B 96 -20.12 -19.61 4.31
CA CYS B 96 -18.93 -19.37 5.10
C CYS B 96 -17.99 -20.56 4.95
N ALA B 97 -16.69 -20.29 4.94
CA ALA B 97 -15.70 -21.32 4.73
C ALA B 97 -14.47 -21.02 5.57
N ALA B 98 -13.97 -22.03 6.25
CA ALA B 98 -12.82 -21.87 7.13
C ALA B 98 -11.54 -22.22 6.39
N GLU B 99 -10.49 -21.45 6.68
CA GLU B 99 -9.17 -21.69 6.11
C GLU B 99 -8.25 -22.21 7.20
N GLU B 100 -7.60 -23.34 6.94
CA GLU B 100 -6.64 -23.92 7.86
C GLU B 100 -5.22 -23.45 7.52
N GLY B 101 -4.26 -23.83 8.35
CA GLY B 101 -2.87 -23.48 8.09
C GLY B 101 -2.21 -24.26 6.98
N ASP B 102 -2.92 -25.16 6.32
CA ASP B 102 -2.44 -25.84 5.13
C ASP B 102 -3.63 -26.11 4.22
N GLY B 103 -3.38 -26.72 3.08
CA GLY B 103 -4.46 -26.94 2.14
C GLY B 103 -4.73 -25.72 1.28
N GLY B 104 -6.01 -25.39 1.07
CA GLY B 104 -6.37 -24.31 0.18
C GLY B 104 -7.06 -23.15 0.85
N PHE B 105 -7.58 -22.21 0.05
CA PHE B 105 -8.19 -21.01 0.61
C PHE B 105 -9.42 -21.35 1.43
N PHE B 106 -10.21 -22.33 0.99
CA PHE B 106 -11.47 -22.70 1.63
C PHE B 106 -11.49 -24.20 1.83
N ASP B 107 -11.03 -24.64 3.01
CA ASP B 107 -10.77 -26.05 3.25
C ASP B 107 -12.04 -26.83 3.54
N TYR B 108 -13.01 -26.21 4.22
CA TYR B 108 -14.33 -26.81 4.37
C TYR B 108 -15.36 -25.70 4.44
N TRP B 109 -16.60 -26.01 4.06
CA TRP B 109 -17.65 -25.04 3.83
C TRP B 109 -18.89 -25.36 4.66
N GLY B 110 -19.74 -24.35 4.84
CA GLY B 110 -21.06 -24.54 5.38
C GLY B 110 -22.03 -25.04 4.32
N GLN B 111 -23.31 -25.00 4.66
CA GLN B 111 -24.34 -25.41 3.72
C GLN B 111 -24.84 -24.27 2.83
N GLY B 112 -24.68 -23.04 3.27
CA GLY B 112 -25.16 -21.89 2.51
C GLY B 112 -26.51 -21.40 3.00
N THR B 113 -26.71 -20.09 2.93
CA THR B 113 -27.99 -19.47 3.25
C THR B 113 -28.29 -18.42 2.19
N LEU B 114 -29.54 -18.40 1.73
CA LEU B 114 -29.95 -17.56 0.61
C LEU B 114 -30.39 -16.19 1.12
N VAL B 115 -29.87 -15.14 0.48
CA VAL B 115 -30.28 -13.76 0.73
C VAL B 115 -30.91 -13.24 -0.56
N THR B 116 -32.15 -12.77 -0.47
CA THR B 116 -32.88 -12.23 -1.60
C THR B 116 -33.20 -10.77 -1.33
N VAL B 117 -32.67 -9.89 -2.17
CA VAL B 117 -32.88 -8.44 -2.04
C VAL B 117 -33.98 -8.04 -3.01
N SER B 118 -35.11 -7.59 -2.47
CA SER B 118 -36.22 -7.13 -3.29
C SER B 118 -35.93 -5.74 -3.85
N SER B 119 -36.11 -5.60 -5.17
CA SER B 119 -35.87 -4.33 -5.85
C SER B 119 -36.79 -3.22 -5.32
N VAL B 144 -9.10 -10.97 -14.45
CA VAL B 144 -9.65 -12.10 -13.72
C VAL B 144 -9.07 -13.39 -14.30
N LEU B 145 -9.44 -14.54 -13.72
CA LEU B 145 -8.99 -15.84 -14.18
C LEU B 145 -10.00 -16.39 -15.18
N THR B 146 -9.56 -16.58 -16.42
CA THR B 146 -10.44 -16.99 -17.51
C THR B 146 -10.43 -18.50 -17.66
N GLN B 147 -11.62 -19.09 -17.72
CA GLN B 147 -11.79 -20.51 -17.99
C GLN B 147 -12.72 -20.68 -19.19
N PRO B 148 -12.64 -21.82 -19.88
CA PRO B 148 -13.65 -22.13 -20.88
C PRO B 148 -15.02 -22.21 -20.23
N PRO B 149 -16.04 -21.66 -20.86
CA PRO B 149 -17.38 -21.69 -20.24
C PRO B 149 -17.90 -23.11 -20.05
N SER B 150 -17.55 -24.04 -20.93
CA SER B 150 -18.11 -25.38 -20.83
C SER B 150 -17.08 -26.41 -21.28
N ALA B 151 -17.35 -27.66 -20.93
CA ALA B 151 -16.54 -28.80 -21.34
C ALA B 151 -17.40 -30.05 -21.24
N SER B 152 -17.04 -31.06 -22.02
CA SER B 152 -17.84 -32.28 -22.10
C SER B 152 -16.93 -33.49 -22.22
N GLY B 153 -17.47 -34.64 -21.85
CA GLY B 153 -16.75 -35.89 -21.97
C GLY B 153 -17.66 -37.08 -21.74
N THR B 154 -17.18 -38.25 -22.18
CA THR B 154 -17.85 -39.52 -21.97
C THR B 154 -17.19 -40.26 -20.81
N PRO B 155 -17.91 -41.18 -20.17
CA PRO B 155 -17.33 -41.92 -19.04
C PRO B 155 -16.05 -42.63 -19.44
N GLY B 156 -15.00 -42.42 -18.64
CA GLY B 156 -13.68 -42.95 -18.92
C GLY B 156 -12.76 -41.97 -19.63
N GLN B 157 -13.29 -40.91 -20.20
CA GLN B 157 -12.48 -39.96 -20.95
C GLN B 157 -11.64 -39.11 -20.01
N ARG B 158 -10.49 -38.64 -20.52
CA ARG B 158 -9.66 -37.69 -19.81
C ARG B 158 -10.01 -36.28 -20.28
N VAL B 159 -10.42 -35.44 -19.35
CA VAL B 159 -10.84 -34.07 -19.65
C VAL B 159 -9.92 -33.11 -18.91
N THR B 160 -9.49 -32.05 -19.60
CA THR B 160 -8.65 -31.02 -19.02
C THR B 160 -9.36 -29.68 -19.12
N ILE B 161 -9.29 -28.90 -18.04
CA ILE B 161 -9.90 -27.57 -17.96
C ILE B 161 -8.79 -26.56 -17.73
N SER B 162 -8.74 -25.54 -18.56
CA SER B 162 -7.69 -24.53 -18.47
C SER B 162 -8.13 -23.37 -17.58
N CYS B 163 -7.13 -22.64 -17.07
CA CYS B 163 -7.34 -21.44 -16.29
C CYS B 163 -6.26 -20.45 -16.69
N SER B 164 -6.66 -19.34 -17.33
CA SER B 164 -5.72 -18.35 -17.83
C SER B 164 -5.71 -17.15 -16.90
N GLY B 165 -4.55 -16.86 -16.32
CA GLY B 165 -4.40 -15.72 -15.43
C GLY B 165 -3.35 -14.75 -15.88
N SER B 166 -2.76 -14.02 -14.95
CA SER B 166 -1.71 -13.05 -15.24
C SER B 166 -0.56 -13.28 -14.27
N SER B 167 0.46 -12.43 -14.38
CA SER B 167 1.63 -12.56 -13.52
C SER B 167 1.32 -12.20 -12.07
N SER B 168 0.33 -11.33 -11.86
CA SER B 168 0.00 -10.86 -10.51
C SER B 168 -0.78 -11.88 -9.70
N ASN B 169 -1.50 -12.80 -10.35
CA ASN B 169 -2.25 -13.81 -9.59
C ASN B 169 -1.58 -15.17 -9.70
N ILE B 170 -1.78 -15.87 -10.83
CA ILE B 170 -1.21 -17.20 -10.98
C ILE B 170 0.31 -17.15 -11.02
N GLY B 171 0.87 -16.12 -11.64
CA GLY B 171 2.32 -16.00 -11.71
C GLY B 171 2.97 -15.71 -10.37
N SER B 172 2.20 -15.27 -9.38
CA SER B 172 2.75 -14.89 -8.09
C SER B 172 2.24 -15.70 -6.91
N ASN B 173 1.14 -16.43 -7.07
CA ASN B 173 0.51 -17.11 -5.95
C ASN B 173 0.14 -18.53 -6.35
N TYR B 174 -0.27 -19.31 -5.35
CA TYR B 174 -0.71 -20.68 -5.57
C TYR B 174 -2.07 -20.71 -6.26
N VAL B 175 -2.37 -21.85 -6.89
CA VAL B 175 -3.63 -22.07 -7.59
C VAL B 175 -4.43 -23.11 -6.83
N ASN B 176 -5.73 -22.85 -6.70
CA ASN B 176 -6.68 -23.80 -6.13
C ASN B 176 -7.71 -24.19 -7.20
N TRP B 177 -8.31 -25.36 -7.02
CA TRP B 177 -9.44 -25.78 -7.84
C TRP B 177 -10.58 -26.19 -6.92
N TYR B 178 -11.80 -25.84 -7.32
CA TYR B 178 -12.99 -26.14 -6.53
C TYR B 178 -14.06 -26.79 -7.40
N GLN B 179 -14.70 -27.80 -6.85
CA GLN B 179 -15.80 -28.51 -7.50
C GLN B 179 -17.10 -28.12 -6.82
N GLN B 180 -18.13 -27.83 -7.63
CA GLN B 180 -19.45 -27.51 -7.11
C GLN B 180 -20.52 -28.34 -7.83
N LEU B 181 -21.12 -29.28 -7.10
CA LEU B 181 -22.28 -29.99 -7.60
C LEU B 181 -23.51 -29.09 -7.59
N PRO B 182 -24.51 -29.39 -8.41
CA PRO B 182 -25.68 -28.49 -8.53
C PRO B 182 -26.35 -28.18 -7.19
N GLY B 183 -26.51 -26.89 -6.92
CA GLY B 183 -27.27 -26.46 -5.75
C GLY B 183 -26.65 -26.85 -4.43
N THR B 184 -25.34 -27.05 -4.39
CA THR B 184 -24.63 -27.41 -3.17
C THR B 184 -23.40 -26.52 -3.02
N ALA B 185 -22.88 -26.49 -1.79
CA ALA B 185 -21.66 -25.75 -1.52
C ALA B 185 -20.49 -26.35 -2.29
N PRO B 186 -19.57 -25.53 -2.81
CA PRO B 186 -18.36 -26.06 -3.43
C PRO B 186 -17.49 -26.79 -2.42
N LYS B 187 -16.56 -27.58 -2.94
CA LYS B 187 -15.57 -28.27 -2.13
C LYS B 187 -14.19 -28.10 -2.74
N LEU B 188 -13.18 -28.09 -1.88
CA LEU B 188 -11.81 -27.96 -2.33
C LEU B 188 -11.37 -29.22 -3.06
N LEU B 189 -10.85 -29.04 -4.28
CA LEU B 189 -10.41 -30.16 -5.12
C LEU B 189 -8.90 -30.25 -5.22
N ILE B 190 -8.23 -29.13 -5.45
CA ILE B 190 -6.79 -29.07 -5.64
C ILE B 190 -6.26 -27.85 -4.92
N TYR B 191 -5.23 -28.03 -4.09
CA TYR B 191 -4.55 -26.91 -3.47
C TYR B 191 -3.06 -26.97 -3.80
N ARG B 192 -2.41 -25.82 -3.69
CA ARG B 192 -0.97 -25.69 -3.98
C ARG B 192 -0.64 -26.25 -5.34
N ASN B 193 -1.40 -25.82 -6.35
CA ASN B 193 -1.19 -26.17 -7.76
C ASN B 193 -1.54 -27.61 -8.09
N ASN B 194 -1.05 -28.58 -7.29
CA ASN B 194 -1.17 -29.97 -7.70
C ASN B 194 -1.47 -30.94 -6.56
N GLU B 195 -1.85 -30.48 -5.38
CA GLU B 195 -2.06 -31.36 -4.24
C GLU B 195 -3.55 -31.54 -3.97
N ARG B 196 -3.92 -32.78 -3.59
CA ARG B 196 -5.29 -33.19 -3.34
C ARG B 196 -5.54 -33.26 -1.84
N PRO B 197 -6.64 -32.71 -1.36
CA PRO B 197 -7.02 -32.93 0.04
C PRO B 197 -7.55 -34.35 0.21
N SER B 198 -7.75 -34.72 1.47
CA SER B 198 -8.31 -36.03 1.79
C SER B 198 -9.70 -36.17 1.19
N GLY B 199 -9.98 -37.33 0.62
CA GLY B 199 -11.28 -37.61 0.04
C GLY B 199 -11.40 -37.30 -1.44
N VAL B 200 -10.39 -36.70 -2.04
CA VAL B 200 -10.40 -36.37 -3.46
C VAL B 200 -9.69 -37.50 -4.22
N PRO B 201 -10.35 -38.17 -5.16
CA PRO B 201 -9.70 -39.28 -5.85
C PRO B 201 -8.51 -38.83 -6.68
N ASP B 202 -7.58 -39.76 -6.91
CA ASP B 202 -6.39 -39.47 -7.68
C ASP B 202 -6.68 -39.26 -9.16
N ARG B 203 -7.92 -39.46 -9.60
CA ARG B 203 -8.31 -39.12 -10.96
C ARG B 203 -8.19 -37.62 -11.24
N PHE B 204 -8.15 -36.80 -10.19
CA PHE B 204 -8.01 -35.36 -10.32
C PHE B 204 -6.55 -34.98 -10.11
N SER B 205 -6.01 -34.24 -11.07
CA SER B 205 -4.66 -33.70 -10.93
C SER B 205 -4.67 -32.26 -11.43
N GLY B 206 -3.82 -31.44 -10.81
CA GLY B 206 -3.67 -30.06 -11.21
C GLY B 206 -2.25 -29.74 -11.61
N SER B 207 -2.07 -28.66 -12.38
CA SER B 207 -0.75 -28.24 -12.79
C SER B 207 -0.78 -26.74 -13.06
N LYS B 208 0.40 -26.12 -13.00
CA LYS B 208 0.54 -24.69 -13.20
C LYS B 208 1.78 -24.43 -14.03
N SER B 209 1.66 -23.58 -15.05
CA SER B 209 2.77 -23.25 -15.94
C SER B 209 2.70 -21.77 -16.27
N GLY B 210 3.65 -21.00 -15.75
CA GLY B 210 3.69 -19.57 -16.00
C GLY B 210 2.52 -18.86 -15.37
N THR B 211 1.68 -18.23 -16.20
CA THR B 211 0.49 -17.52 -15.72
C THR B 211 -0.79 -18.27 -16.03
N SER B 212 -0.70 -19.58 -16.27
CA SER B 212 -1.87 -20.40 -16.57
C SER B 212 -1.80 -21.69 -15.78
N ALA B 213 -2.97 -22.28 -15.56
CA ALA B 213 -3.09 -23.51 -14.79
C ALA B 213 -4.07 -24.43 -15.50
N SER B 214 -4.06 -25.71 -15.11
CA SER B 214 -4.90 -26.69 -15.76
C SER B 214 -5.31 -27.77 -14.78
N LEU B 215 -6.58 -28.16 -14.85
CA LEU B 215 -7.12 -29.28 -14.08
C LEU B 215 -7.37 -30.44 -15.01
N ALA B 216 -6.91 -31.63 -14.64
CA ALA B 216 -7.07 -32.83 -15.44
C ALA B 216 -7.91 -33.84 -14.68
N ILE B 217 -8.92 -34.39 -15.34
CA ILE B 217 -9.79 -35.42 -14.77
C ILE B 217 -9.65 -36.65 -15.64
N SER B 218 -8.88 -37.63 -15.17
CA SER B 218 -8.76 -38.90 -15.87
C SER B 218 -9.89 -39.83 -15.46
N GLY B 219 -10.31 -40.67 -16.40
CA GLY B 219 -11.39 -41.61 -16.14
C GLY B 219 -12.65 -40.92 -15.67
N LEU B 220 -13.20 -40.07 -16.53
CA LEU B 220 -14.38 -39.27 -16.18
C LEU B 220 -15.51 -40.16 -15.69
N ARG B 221 -16.07 -39.79 -14.53
CA ARG B 221 -17.19 -40.50 -13.96
C ARG B 221 -18.45 -39.66 -14.08
N SER B 222 -19.59 -40.34 -13.96
CA SER B 222 -20.87 -39.62 -14.02
C SER B 222 -20.98 -38.59 -12.90
N GLU B 223 -20.50 -38.93 -11.71
CA GLU B 223 -20.56 -38.01 -10.58
C GLU B 223 -19.63 -36.80 -10.74
N ASP B 224 -18.77 -36.81 -11.75
CA ASP B 224 -17.89 -35.68 -12.02
C ASP B 224 -18.61 -34.52 -12.71
N GLU B 225 -19.86 -34.71 -13.10
CA GLU B 225 -20.65 -33.63 -13.70
C GLU B 225 -20.87 -32.54 -12.66
N ALA B 226 -20.18 -31.41 -12.84
CA ALA B 226 -20.25 -30.31 -11.88
C ALA B 226 -19.65 -29.08 -12.55
N ASP B 227 -19.61 -27.99 -11.79
CA ASP B 227 -18.88 -26.79 -12.17
C ASP B 227 -17.52 -26.80 -11.48
N TYR B 228 -16.49 -26.34 -12.19
CA TYR B 228 -15.13 -26.33 -11.68
C TYR B 228 -14.58 -24.92 -11.75
N TYR B 229 -14.03 -24.43 -10.63
CA TYR B 229 -13.49 -23.09 -10.54
C TYR B 229 -12.02 -23.17 -10.16
N CYS B 230 -11.17 -22.51 -10.95
CA CYS B 230 -9.83 -22.23 -10.48
C CYS B 230 -9.86 -21.00 -9.59
N ALA B 231 -8.81 -20.83 -8.80
CA ALA B 231 -8.75 -19.72 -7.86
C ALA B 231 -7.30 -19.38 -7.55
N ALA B 232 -7.02 -18.08 -7.45
CA ALA B 232 -5.69 -17.60 -7.12
C ALA B 232 -5.81 -16.14 -6.68
N TRP B 233 -5.23 -15.82 -5.53
CA TRP B 233 -5.27 -14.46 -5.03
C TRP B 233 -4.36 -13.56 -5.86
N ASP B 234 -4.73 -12.29 -5.95
CA ASP B 234 -4.00 -11.30 -6.73
C ASP B 234 -3.10 -10.47 -5.82
N GLY B 235 -1.82 -10.37 -6.18
CA GLY B 235 -0.87 -9.63 -5.37
C GLY B 235 -1.04 -8.12 -5.43
N SER B 236 -1.73 -7.62 -6.45
CA SER B 236 -1.94 -6.19 -6.61
C SER B 236 -3.21 -5.73 -5.91
N ARG B 240 -9.47 -7.18 -6.46
CA ARG B 240 -9.65 -8.14 -7.55
C ARG B 240 -10.22 -9.46 -7.00
N GLY B 241 -10.96 -10.16 -7.85
CA GLY B 241 -11.55 -11.42 -7.43
C GLY B 241 -10.53 -12.54 -7.32
N VAL B 242 -10.92 -13.61 -6.64
CA VAL B 242 -10.02 -14.73 -6.40
C VAL B 242 -10.44 -15.92 -7.26
N PHE B 243 -11.72 -15.98 -7.62
CA PHE B 243 -12.28 -17.11 -8.33
C PHE B 243 -12.20 -16.89 -9.84
N GLY B 244 -11.98 -17.99 -10.56
CA GLY B 244 -12.09 -17.96 -12.00
C GLY B 244 -13.54 -17.90 -12.45
N THR B 245 -13.70 -17.78 -13.76
CA THR B 245 -15.05 -17.66 -14.32
C THR B 245 -15.85 -18.95 -14.21
N GLY B 246 -15.19 -20.09 -14.09
CA GLY B 246 -15.95 -21.32 -13.90
C GLY B 246 -16.19 -22.06 -15.20
N THR B 247 -16.19 -23.39 -15.11
CA THR B 247 -16.39 -24.25 -16.26
C THR B 247 -17.47 -25.27 -15.93
N LYS B 248 -18.51 -25.35 -16.76
CA LYS B 248 -19.57 -26.33 -16.60
C LYS B 248 -19.19 -27.60 -17.36
N LEU B 249 -19.01 -28.70 -16.63
CA LEU B 249 -18.61 -29.97 -17.22
C LEU B 249 -19.82 -30.89 -17.30
N THR B 250 -20.21 -31.25 -18.52
CA THR B 250 -21.29 -32.20 -18.76
C THR B 250 -20.72 -33.56 -19.12
N VAL B 251 -21.36 -34.61 -18.62
CA VAL B 251 -20.94 -35.99 -18.88
C VAL B 251 -22.01 -36.68 -19.71
N LEU B 252 -21.60 -37.32 -20.80
CA LEU B 252 -22.52 -38.03 -21.68
C LEU B 252 -22.76 -39.42 -21.12
N GLU B 253 -23.79 -39.54 -20.28
CA GLU B 253 -24.05 -40.80 -19.58
C GLU B 253 -24.50 -41.89 -20.53
N ASN B 254 -25.24 -41.55 -21.59
CA ASN B 254 -25.70 -42.55 -22.53
C ASN B 254 -24.56 -43.23 -23.28
N LEU B 255 -23.40 -42.60 -23.34
CA LEU B 255 -22.25 -43.15 -24.06
C LEU B 255 -21.19 -43.68 -23.11
N GLN C 1 -5.90 31.56 -14.66
CA GLN C 1 -6.37 31.78 -16.03
C GLN C 1 -6.96 30.50 -16.63
N VAL C 2 -6.57 29.35 -16.08
CA VAL C 2 -7.12 28.07 -16.52
C VAL C 2 -8.49 27.88 -15.90
N GLN C 3 -9.45 27.45 -16.72
CA GLN C 3 -10.82 27.21 -16.28
C GLN C 3 -11.09 25.71 -16.24
N LEU C 4 -11.69 25.24 -15.15
CA LEU C 4 -12.04 23.84 -14.97
C LEU C 4 -13.55 23.69 -14.98
N VAL C 5 -14.04 22.65 -15.67
CA VAL C 5 -15.48 22.43 -15.83
C VAL C 5 -15.77 20.95 -15.61
N GLU C 6 -16.53 20.64 -14.56
CA GLU C 6 -16.94 19.27 -14.29
C GLU C 6 -18.26 18.96 -14.98
N SER C 7 -18.46 17.68 -15.31
CA SER C 7 -19.70 17.23 -15.93
C SER C 7 -19.83 15.73 -15.73
N GLY C 8 -21.02 15.21 -16.00
CA GLY C 8 -21.32 13.81 -15.89
C GLY C 8 -22.20 13.42 -14.72
N GLY C 9 -22.54 14.37 -13.85
CA GLY C 9 -23.37 14.04 -12.70
C GLY C 9 -24.80 13.72 -13.10
N GLY C 10 -25.51 13.10 -12.16
CA GLY C 10 -26.90 12.75 -12.39
C GLY C 10 -27.39 11.79 -11.33
N LEU C 11 -28.51 11.14 -11.64
CA LEU C 11 -29.12 10.15 -10.76
C LEU C 11 -28.71 8.76 -11.22
N VAL C 12 -28.27 7.93 -10.26
CA VAL C 12 -27.87 6.55 -10.56
C VAL C 12 -28.38 5.65 -9.44
N GLN C 13 -28.75 4.42 -9.82
CA GLN C 13 -29.17 3.44 -8.84
C GLN C 13 -27.97 2.86 -8.11
N ALA C 14 -28.20 2.44 -6.86
CA ALA C 14 -27.12 1.87 -6.06
C ALA C 14 -26.51 0.66 -6.77
N GLY C 15 -25.18 0.59 -6.76
CA GLY C 15 -24.47 -0.41 -7.51
C GLY C 15 -24.21 -0.05 -8.96
N GLY C 16 -24.74 1.08 -9.43
CA GLY C 16 -24.54 1.51 -10.79
C GLY C 16 -23.19 2.17 -11.01
N SER C 17 -22.97 2.59 -12.24
CA SER C 17 -21.71 3.20 -12.66
C SER C 17 -21.96 4.59 -13.24
N LEU C 18 -20.95 5.44 -13.13
CA LEU C 18 -21.01 6.80 -13.64
C LEU C 18 -19.60 7.30 -13.84
N ARG C 19 -19.38 8.02 -14.94
CA ARG C 19 -18.07 8.59 -15.25
C ARG C 19 -18.20 10.11 -15.27
N LEU C 20 -17.42 10.78 -14.44
CA LEU C 20 -17.34 12.23 -14.42
C LEU C 20 -16.17 12.69 -15.29
N SER C 21 -16.28 13.93 -15.77
CA SER C 21 -15.24 14.55 -16.58
C SER C 21 -14.88 15.90 -15.99
N CYS C 22 -13.58 16.17 -15.93
CA CYS C 22 -13.05 17.47 -15.56
C CYS C 22 -12.29 18.02 -16.75
N ALA C 23 -12.81 19.09 -17.34
CA ALA C 23 -12.23 19.68 -18.54
C ALA C 23 -11.47 20.94 -18.20
N ALA C 24 -10.23 21.03 -18.68
CA ALA C 24 -9.39 22.22 -18.49
C ALA C 24 -9.36 23.03 -19.78
N SER C 25 -9.45 24.35 -19.64
CA SER C 25 -9.56 25.21 -20.82
C SER C 25 -8.30 25.19 -21.66
N ARG C 26 -7.14 24.95 -21.05
CA ARG C 26 -5.88 24.96 -21.79
C ARG C 26 -4.82 24.25 -20.95
N ARG C 27 -3.72 23.90 -21.61
CA ARG C 27 -2.59 23.31 -20.91
C ARG C 27 -1.87 24.36 -20.06
N SER C 28 -1.17 23.89 -19.04
CA SER C 28 -0.46 24.77 -18.13
C SER C 28 0.74 24.04 -17.55
N SER C 29 1.91 24.70 -17.62
CA SER C 29 3.12 24.16 -17.02
C SER C 29 3.11 24.29 -15.50
N ARG C 30 2.26 25.14 -14.94
CA ARG C 30 2.21 25.29 -13.49
C ARG C 30 1.45 24.16 -12.84
N SER C 31 0.31 23.76 -13.41
CA SER C 31 -0.50 22.72 -12.79
C SER C 31 0.09 21.35 -13.12
N TRP C 32 0.47 20.61 -12.09
CA TRP C 32 1.07 19.30 -12.28
C TRP C 32 0.14 18.15 -11.89
N ALA C 33 -0.95 18.44 -11.17
CA ALA C 33 -1.84 17.40 -10.69
C ALA C 33 -3.28 17.90 -10.75
N MET C 34 -4.22 16.96 -10.86
CA MET C 34 -5.65 17.24 -10.84
C MET C 34 -6.30 16.37 -9.78
N HIS C 35 -6.99 16.99 -8.83
CA HIS C 35 -7.67 16.30 -7.75
C HIS C 35 -9.17 16.25 -8.00
N TRP C 36 -9.82 15.27 -7.38
CA TRP C 36 -11.26 15.26 -7.21
C TRP C 36 -11.58 15.40 -5.73
N VAL C 37 -12.46 16.34 -5.40
CA VAL C 37 -12.93 16.55 -4.03
C VAL C 37 -14.44 16.61 -4.06
N ARG C 38 -15.08 15.81 -3.20
CA ARG C 38 -16.52 15.72 -3.16
C ARG C 38 -17.06 16.25 -1.84
N GLN C 39 -18.35 16.57 -1.82
CA GLN C 39 -18.98 17.15 -0.64
C GLN C 39 -20.46 16.76 -0.64
N ALA C 40 -20.84 15.89 0.28
CA ALA C 40 -22.25 15.58 0.44
C ALA C 40 -22.99 16.81 0.95
N PRO C 41 -24.28 16.95 0.62
CA PRO C 41 -25.03 18.14 1.05
C PRO C 41 -25.02 18.30 2.55
N GLY C 42 -24.57 19.47 3.01
CA GLY C 42 -24.46 19.76 4.41
C GLY C 42 -23.27 19.16 5.12
N LYS C 43 -22.47 18.34 4.45
CA LYS C 43 -21.34 17.69 5.09
C LYS C 43 -20.04 18.43 4.75
N GLY C 44 -18.91 17.81 5.10
CA GLY C 44 -17.62 18.42 4.89
C GLY C 44 -16.97 18.01 3.58
N LEU C 45 -15.79 18.57 3.34
CA LEU C 45 -15.00 18.24 2.16
C LEU C 45 -14.31 16.90 2.34
N GLU C 46 -14.32 16.07 1.29
CA GLU C 46 -13.63 14.79 1.34
C GLU C 46 -12.83 14.60 0.05
N TRP C 47 -11.52 14.54 0.19
CA TRP C 47 -10.65 14.27 -0.95
C TRP C 47 -10.94 12.87 -1.50
N VAL C 48 -10.86 12.74 -2.83
CA VAL C 48 -11.29 11.52 -3.51
C VAL C 48 -10.12 10.85 -4.23
N ALA C 49 -9.44 11.58 -5.11
CA ALA C 49 -8.38 11.00 -5.91
C ALA C 49 -7.55 12.12 -6.54
N VAL C 50 -6.41 11.73 -7.10
CA VAL C 50 -5.52 12.67 -7.78
C VAL C 50 -4.78 11.92 -8.88
N ILE C 51 -4.46 12.64 -9.95
CA ILE C 51 -3.67 12.11 -11.05
C ILE C 51 -2.69 13.19 -11.51
N SER C 52 -1.45 12.79 -11.75
CA SER C 52 -0.45 13.73 -12.23
C SER C 52 -0.70 14.09 -13.70
N TYR C 53 -0.08 15.17 -14.14
CA TYR C 53 -0.28 15.68 -15.50
C TYR C 53 -0.01 14.63 -16.55
N ASP C 54 0.93 13.71 -16.30
CA ASP C 54 1.29 12.68 -17.25
C ASP C 54 0.61 11.35 -16.97
N GLY C 55 -0.25 11.28 -15.95
CA GLY C 55 -0.98 10.08 -15.62
C GLY C 55 -0.21 9.03 -14.85
N ARG C 56 1.08 9.25 -14.58
CA ARG C 56 1.89 8.19 -13.99
C ARG C 56 1.65 8.03 -12.49
N LEU C 57 1.21 9.09 -11.80
CA LEU C 57 0.96 9.04 -10.37
C LEU C 57 -0.54 9.13 -10.13
N LYS C 58 -1.09 8.15 -9.42
CA LYS C 58 -2.51 8.12 -9.05
C LYS C 58 -2.65 7.69 -7.61
N TYR C 59 -3.46 8.41 -6.84
CA TYR C 59 -3.76 8.05 -5.46
C TYR C 59 -5.26 8.19 -5.22
N TYR C 60 -5.77 7.38 -4.29
CA TYR C 60 -7.19 7.31 -4.01
C TYR C 60 -7.43 7.34 -2.50
N ALA C 61 -8.56 7.90 -2.11
CA ALA C 61 -9.01 7.77 -0.73
C ALA C 61 -9.45 6.34 -0.46
N ASP C 62 -9.28 5.89 0.78
CA ASP C 62 -9.66 4.52 1.14
C ASP C 62 -11.15 4.28 0.92
N SER C 63 -11.96 5.32 1.06
CA SER C 63 -13.41 5.19 0.91
C SER C 63 -13.83 4.95 -0.53
N VAL C 64 -12.94 5.14 -1.51
CA VAL C 64 -13.26 4.91 -2.91
C VAL C 64 -12.29 3.95 -3.59
N LYS C 65 -11.23 3.53 -2.91
CA LYS C 65 -10.24 2.65 -3.52
C LYS C 65 -10.89 1.36 -4.01
N GLY C 66 -10.51 0.92 -5.21
CA GLY C 66 -11.05 -0.27 -5.81
C GLY C 66 -12.34 -0.06 -6.57
N ARG C 67 -13.15 0.92 -6.17
CA ARG C 67 -14.39 1.24 -6.86
C ARG C 67 -14.24 2.39 -7.84
N PHE C 68 -13.44 3.40 -7.51
CA PHE C 68 -13.23 4.54 -8.38
C PHE C 68 -11.90 4.40 -9.10
N THR C 69 -11.84 4.91 -10.34
CA THR C 69 -10.63 4.89 -11.14
C THR C 69 -10.46 6.25 -11.80
N ILE C 70 -9.31 6.89 -11.58
CA ILE C 70 -9.01 8.17 -12.19
C ILE C 70 -8.13 7.93 -13.41
N SER C 71 -8.30 8.78 -14.43
CA SER C 71 -7.53 8.69 -15.66
C SER C 71 -7.66 10.02 -16.39
N ARG C 72 -6.92 10.16 -17.48
CA ARG C 72 -6.99 11.37 -18.28
C ARG C 72 -6.87 11.02 -19.76
N ASP C 73 -7.22 12.00 -20.60
CA ASP C 73 -7.20 11.86 -22.04
C ASP C 73 -6.37 13.00 -22.61
N ASN C 74 -5.41 12.65 -23.48
CA ASN C 74 -4.47 13.61 -24.07
C ASN C 74 -5.12 14.89 -24.57
N TYR C 77 -6.46 17.80 -21.72
CA TYR C 77 -7.79 18.41 -21.80
C TYR C 77 -8.70 17.85 -20.69
N LEU C 78 -8.93 16.54 -20.71
CA LEU C 78 -9.92 15.91 -19.86
C LEU C 78 -9.28 15.01 -18.81
N VAL C 79 -9.88 15.00 -17.62
CA VAL C 79 -9.56 14.05 -16.56
C VAL C 79 -10.85 13.31 -16.21
N TYR C 80 -10.78 11.99 -16.16
CA TYR C 80 -11.95 11.16 -15.94
C TYR C 80 -11.94 10.56 -14.54
N LEU C 81 -13.13 10.42 -13.97
CA LEU C 81 -13.33 9.68 -12.72
C LEU C 81 -14.39 8.63 -12.97
N GLN C 82 -13.96 7.37 -13.06
CA GLN C 82 -14.87 6.26 -13.26
C GLN C 82 -15.32 5.73 -11.91
N MET C 83 -16.62 5.82 -11.63
CA MET C 83 -17.18 5.45 -10.34
C MET C 83 -18.05 4.20 -10.53
N ASN C 84 -17.59 3.07 -9.99
CA ASN C 84 -18.33 1.82 -10.04
C ASN C 84 -18.81 1.45 -8.65
N SER C 85 -19.79 0.54 -8.60
CA SER C 85 -20.38 0.06 -7.35
C SER C 85 -20.76 1.23 -6.45
N LEU C 86 -21.48 2.18 -7.03
CA LEU C 86 -21.88 3.38 -6.29
C LEU C 86 -22.87 3.02 -5.19
N ARG C 87 -22.76 3.73 -4.06
CA ARG C 87 -23.68 3.57 -2.95
C ARG C 87 -24.16 4.94 -2.50
N ALA C 88 -25.17 4.94 -1.62
CA ALA C 88 -25.81 6.18 -1.20
C ALA C 88 -24.80 7.15 -0.59
N GLU C 89 -23.78 6.64 0.12
CA GLU C 89 -22.79 7.51 0.73
C GLU C 89 -21.98 8.30 -0.30
N ASP C 90 -21.98 7.86 -1.57
CA ASP C 90 -21.25 8.58 -2.60
C ASP C 90 -22.01 9.79 -3.11
N THR C 91 -23.28 9.96 -2.73
CA THR C 91 -24.05 11.13 -3.14
C THR C 91 -23.35 12.40 -2.65
N ALA C 92 -22.95 13.25 -3.60
CA ALA C 92 -22.19 14.45 -3.28
C ALA C 92 -22.07 15.31 -4.53
N VAL C 93 -21.64 16.56 -4.31
CA VAL C 93 -21.18 17.42 -5.40
C VAL C 93 -19.70 17.15 -5.59
N TYR C 94 -19.30 16.84 -6.82
CA TYR C 94 -17.92 16.48 -7.15
C TYR C 94 -17.26 17.66 -7.83
N TYR C 95 -16.21 18.19 -7.20
CA TYR C 95 -15.36 19.20 -7.79
C TYR C 95 -14.05 18.56 -8.25
N CYS C 96 -13.47 19.13 -9.29
CA CYS C 96 -12.07 18.87 -9.60
C CYS C 96 -11.26 20.13 -9.30
N ALA C 97 -10.01 19.93 -8.92
CA ALA C 97 -9.16 21.04 -8.48
C ALA C 97 -7.73 20.75 -8.87
N ALA C 98 -7.06 21.75 -9.45
CA ALA C 98 -5.69 21.58 -9.91
C ALA C 98 -4.72 22.00 -8.82
N GLU C 99 -3.58 21.30 -8.78
CA GLU C 99 -2.49 21.64 -7.87
C GLU C 99 -1.30 22.11 -8.72
N GLU C 100 -0.81 23.30 -8.42
CA GLU C 100 0.34 23.87 -9.10
C GLU C 100 1.62 23.54 -8.34
N GLY C 101 2.77 23.91 -8.91
CA GLY C 101 4.04 23.71 -8.26
C GLY C 101 4.33 24.59 -7.07
N ASP C 102 3.38 25.43 -6.66
CA ASP C 102 3.51 26.22 -5.44
C ASP C 102 2.11 26.54 -4.95
N GLY C 103 2.02 27.07 -3.74
CA GLY C 103 0.72 27.29 -3.14
C GLY C 103 0.26 26.09 -2.34
N GLY C 104 -1.02 25.73 -2.44
CA GLY C 104 -1.59 24.68 -1.64
C GLY C 104 -1.96 23.43 -2.43
N PHE C 105 -2.70 22.56 -1.76
CA PHE C 105 -3.10 21.32 -2.41
C PHE C 105 -4.08 21.58 -3.55
N PHE C 106 -4.97 22.56 -3.38
CA PHE C 106 -6.04 22.84 -4.35
C PHE C 106 -5.99 24.33 -4.66
N ASP C 107 -5.28 24.67 -5.75
CA ASP C 107 -4.98 26.06 -6.04
C ASP C 107 -6.10 26.76 -6.79
N TYR C 108 -6.85 26.03 -7.61
CA TYR C 108 -8.08 26.57 -8.19
C TYR C 108 -9.04 25.42 -8.45
N TRP C 109 -10.32 25.75 -8.50
CA TRP C 109 -11.39 24.77 -8.47
C TRP C 109 -12.31 24.94 -9.67
N GLY C 110 -13.08 23.89 -9.95
CA GLY C 110 -14.18 23.96 -10.89
C GLY C 110 -15.46 24.41 -10.21
N GLN C 111 -16.58 24.10 -10.86
CA GLN C 111 -17.90 24.52 -10.38
C GLN C 111 -18.66 23.41 -9.68
N GLY C 112 -18.37 22.16 -9.99
CA GLY C 112 -19.03 21.06 -9.32
C GLY C 112 -20.11 20.42 -10.17
N THR C 113 -20.27 19.11 -10.00
CA THR C 113 -21.35 18.37 -10.65
C THR C 113 -21.92 17.39 -9.63
N LEU C 114 -23.25 17.35 -9.53
CA LEU C 114 -23.94 16.62 -8.49
C LEU C 114 -24.19 15.17 -8.92
N VAL C 115 -23.78 14.23 -8.08
CA VAL C 115 -24.07 12.81 -8.27
C VAL C 115 -24.98 12.37 -7.13
N THR C 116 -26.14 11.83 -7.48
CA THR C 116 -27.11 11.35 -6.50
C THR C 116 -27.31 9.86 -6.72
N VAL C 117 -27.01 9.07 -5.69
CA VAL C 117 -27.18 7.62 -5.73
C VAL C 117 -28.44 7.27 -4.93
N SER C 118 -29.41 6.66 -5.60
CA SER C 118 -30.67 6.30 -4.98
C SER C 118 -30.56 4.94 -4.29
N SER C 119 -31.07 4.88 -3.07
CA SER C 119 -31.05 3.64 -2.29
C SER C 119 -32.39 2.91 -2.36
N VAL C 144 -7.77 11.57 11.29
CA VAL C 144 -8.64 12.71 10.98
C VAL C 144 -8.11 13.97 11.67
N LEU C 145 -8.45 15.13 11.12
CA LEU C 145 -8.10 16.43 11.70
C LEU C 145 -9.37 17.02 12.30
N THR C 146 -9.37 17.22 13.61
CA THR C 146 -10.56 17.65 14.33
C THR C 146 -10.54 19.17 14.50
N GLN C 147 -11.64 19.82 14.13
CA GLN C 147 -11.86 21.23 14.32
C GLN C 147 -13.11 21.43 15.17
N PRO C 148 -13.25 22.57 15.84
CA PRO C 148 -14.52 22.89 16.49
C PRO C 148 -15.62 23.00 15.45
N PRO C 149 -16.79 22.40 15.70
CA PRO C 149 -17.85 22.45 14.68
C PRO C 149 -18.31 23.87 14.36
N SER C 150 -18.21 24.80 15.30
CA SER C 150 -18.70 26.14 15.06
C SER C 150 -17.86 27.16 15.80
N ALA C 151 -17.97 28.41 15.37
CA ALA C 151 -17.33 29.55 16.00
C ALA C 151 -18.10 30.79 15.62
N SER C 152 -18.04 31.82 16.47
CA SER C 152 -18.75 33.06 16.20
C SER C 152 -17.93 34.24 16.66
N GLY C 153 -18.31 35.41 16.17
CA GLY C 153 -17.65 36.65 16.55
C GLY C 153 -18.47 37.83 16.09
N THR C 154 -18.12 38.99 16.61
CA THR C 154 -18.69 40.26 16.19
C THR C 154 -17.73 40.97 15.25
N PRO C 155 -18.22 41.88 14.42
CA PRO C 155 -17.32 42.62 13.53
C PRO C 155 -16.21 43.32 14.31
N GLY C 156 -14.97 43.12 13.86
CA GLY C 156 -13.81 43.65 14.53
C GLY C 156 -13.16 42.71 15.51
N GLN C 157 -13.83 41.63 15.88
CA GLN C 157 -13.28 40.68 16.85
C GLN C 157 -12.21 39.82 16.20
N ARG C 158 -11.27 39.34 17.02
CA ARG C 158 -10.27 38.38 16.58
C ARG C 158 -10.77 36.98 16.93
N VAL C 159 -10.84 36.11 15.93
CA VAL C 159 -11.35 34.75 16.09
C VAL C 159 -10.26 33.78 15.64
N THR C 160 -10.02 32.74 16.45
CA THR C 160 -9.07 31.70 16.11
C THR C 160 -9.82 30.37 15.97
N ILE C 161 -9.41 29.58 14.99
CA ILE C 161 -9.98 28.26 14.74
C ILE C 161 -8.86 27.24 14.83
N SER C 162 -9.04 26.22 15.67
CA SER C 162 -8.00 25.23 15.89
C SER C 162 -8.14 24.07 14.91
N CYS C 163 -7.02 23.37 14.72
CA CYS C 163 -7.00 22.16 13.90
C CYS C 163 -6.09 21.17 14.62
N SER C 164 -6.69 20.11 15.18
CA SER C 164 -5.95 19.13 15.97
C SER C 164 -5.69 17.89 15.12
N GLY C 165 -4.42 17.58 14.93
CA GLY C 165 -4.04 16.41 14.14
C GLY C 165 -3.15 15.44 14.90
N SER C 166 -2.26 14.76 14.18
CA SER C 166 -1.35 13.79 14.75
C SER C 166 0.02 13.98 14.13
N SER C 167 0.99 13.15 14.57
CA SER C 167 2.35 13.26 14.07
C SER C 167 2.47 12.81 12.61
N SER C 168 1.58 11.95 12.13
CA SER C 168 1.67 11.46 10.76
C SER C 168 1.17 12.45 9.73
N ASN C 169 0.31 13.41 10.11
CA ASN C 169 -0.20 14.38 9.16
C ASN C 169 0.39 15.73 9.48
N ILE C 170 -0.21 16.50 10.40
CA ILE C 170 0.28 17.84 10.71
C ILE C 170 1.71 17.79 11.24
N GLY C 171 2.03 16.77 12.03
CA GLY C 171 3.39 16.63 12.54
C GLY C 171 4.42 16.30 11.48
N SER C 172 3.98 15.91 10.28
CA SER C 172 4.90 15.51 9.22
C SER C 172 4.81 16.35 7.95
N ASN C 173 3.74 17.11 7.75
CA ASN C 173 3.51 17.77 6.48
C ASN C 173 2.95 19.18 6.72
N TYR C 174 2.95 19.98 5.65
CA TYR C 174 2.44 21.33 5.72
C TYR C 174 0.92 21.33 5.94
N VAL C 175 0.42 22.44 6.46
CA VAL C 175 -1.00 22.65 6.68
C VAL C 175 -1.53 23.63 5.64
N ASN C 176 -2.74 23.37 5.14
CA ASN C 176 -3.49 24.30 4.32
C ASN C 176 -4.76 24.71 5.06
N TRP C 177 -5.33 25.85 4.65
CA TRP C 177 -6.63 26.28 5.10
C TRP C 177 -7.46 26.68 3.88
N TYR C 178 -8.74 26.30 3.90
CA TYR C 178 -9.64 26.58 2.80
C TYR C 178 -10.91 27.22 3.33
N GLN C 179 -11.39 28.23 2.60
CA GLN C 179 -12.61 28.95 2.94
C GLN C 179 -13.68 28.62 1.92
N GLN C 180 -14.90 28.36 2.41
CA GLN C 180 -16.01 28.01 1.53
C GLN C 180 -17.25 28.82 1.91
N LEU C 181 -17.70 29.66 0.99
CA LEU C 181 -18.98 30.34 1.13
C LEU C 181 -20.11 29.42 0.70
N PRO C 182 -21.34 29.70 1.14
CA PRO C 182 -22.46 28.78 0.85
C PRO C 182 -22.68 28.61 -0.65
N GLY C 183 -22.83 27.35 -1.06
CA GLY C 183 -23.14 27.00 -2.43
C GLY C 183 -22.05 27.26 -3.45
N THR C 184 -20.81 27.48 -3.02
CA THR C 184 -19.71 27.75 -3.93
C THR C 184 -18.52 26.87 -3.61
N ALA C 185 -17.61 26.75 -4.57
CA ALA C 185 -16.43 25.93 -4.39
C ALA C 185 -15.52 26.54 -3.32
N PRO C 186 -14.83 25.70 -2.56
CA PRO C 186 -13.85 26.20 -1.59
C PRO C 186 -12.74 26.99 -2.26
N LYS C 187 -12.02 27.76 -1.46
CA LYS C 187 -10.94 28.59 -1.95
C LYS C 187 -9.75 28.46 -1.01
N LEU C 188 -8.55 28.32 -1.58
CA LEU C 188 -7.35 28.28 -0.78
C LEU C 188 -7.17 29.59 -0.01
N LEU C 189 -6.97 29.48 1.30
CA LEU C 189 -6.78 30.63 2.16
C LEU C 189 -5.36 30.73 2.69
N ILE C 190 -4.79 29.61 3.14
CA ILE C 190 -3.45 29.57 3.70
C ILE C 190 -2.76 28.33 3.17
N TYR C 191 -1.52 28.47 2.71
CA TYR C 191 -0.70 27.33 2.32
C TYR C 191 0.64 27.43 3.02
N ARG C 192 1.31 26.28 3.14
CA ARG C 192 2.59 26.18 3.82
C ARG C 192 2.51 26.76 5.22
N ASN C 193 1.49 26.33 5.95
CA ASN C 193 1.26 26.69 7.35
C ASN C 193 0.82 28.14 7.56
N ASN C 194 1.50 29.09 6.90
CA ASN C 194 1.28 30.49 7.25
C ASN C 194 1.34 31.46 6.08
N GLU C 195 1.29 30.99 4.84
CA GLU C 195 1.43 31.87 3.69
C GLU C 195 0.10 32.03 2.96
N ARG C 196 -0.18 33.27 2.52
CA ARG C 196 -1.43 33.64 1.87
C ARG C 196 -1.24 33.73 0.37
N PRO C 197 -2.14 33.14 -0.43
CA PRO C 197 -2.11 33.37 -1.87
C PRO C 197 -2.59 34.78 -2.19
N SER C 198 -2.41 35.16 -3.45
CA SER C 198 -2.85 36.47 -3.90
C SER C 198 -4.36 36.60 -3.71
N GLY C 199 -4.80 37.77 -3.24
CA GLY C 199 -6.20 38.04 -3.04
C GLY C 199 -6.73 37.72 -1.67
N VAL C 200 -5.90 37.17 -0.78
CA VAL C 200 -6.30 36.87 0.60
C VAL C 200 -5.80 38.00 1.48
N PRO C 201 -6.67 38.73 2.17
CA PRO C 201 -6.22 39.85 3.01
C PRO C 201 -5.36 39.37 4.17
N ASP C 202 -4.50 40.28 4.64
CA ASP C 202 -3.64 39.99 5.78
C ASP C 202 -4.42 39.79 7.09
N ARG C 203 -5.74 40.00 7.09
CA ARG C 203 -6.52 39.67 8.27
C ARG C 203 -6.40 38.18 8.62
N PHE C 204 -6.17 37.34 7.62
CA PHE C 204 -6.05 35.90 7.84
C PHE C 204 -4.59 35.53 8.06
N SER C 205 -4.34 34.75 9.11
CA SER C 205 -3.02 34.21 9.35
C SER C 205 -3.15 32.79 9.87
N GLY C 206 -2.15 31.97 9.56
CA GLY C 206 -2.12 30.60 10.04
C GLY C 206 -0.86 30.31 10.82
N SER C 207 -0.89 29.24 11.61
CA SER C 207 0.28 28.82 12.36
C SER C 207 0.17 27.33 12.61
N LYS C 208 1.30 26.72 12.95
CA LYS C 208 1.38 25.29 13.21
C LYS C 208 2.39 25.04 14.30
N SER C 209 2.01 24.22 15.29
CA SER C 209 2.86 23.94 16.45
C SER C 209 2.66 22.49 16.86
N GLY C 210 3.65 21.65 16.58
CA GLY C 210 3.56 20.25 16.95
C GLY C 210 2.63 19.47 16.03
N THR C 211 1.57 18.90 16.59
CA THR C 211 0.57 18.18 15.82
C THR C 211 -0.75 18.93 15.75
N SER C 212 -0.72 20.25 15.87
CA SER C 212 -1.92 21.06 15.77
C SER C 212 -1.61 22.32 14.96
N ALA C 213 -2.67 22.93 14.43
CA ALA C 213 -2.55 24.13 13.63
C ALA C 213 -3.70 25.06 13.99
N SER C 214 -3.56 26.33 13.60
CA SER C 214 -4.55 27.33 13.99
C SER C 214 -4.68 28.39 12.91
N LEU C 215 -5.93 28.80 12.67
CA LEU C 215 -6.24 29.92 11.78
C LEU C 215 -6.74 31.08 12.64
N ALA C 216 -6.17 32.26 12.42
CA ALA C 216 -6.57 33.46 13.13
C ALA C 216 -7.14 34.47 12.14
N ILE C 217 -8.25 35.09 12.51
CA ILE C 217 -8.89 36.13 11.71
C ILE C 217 -8.97 37.36 12.60
N SER C 218 -8.11 38.34 12.35
CA SER C 218 -8.16 39.60 13.07
C SER C 218 -9.09 40.55 12.35
N GLY C 219 -9.80 41.37 13.12
CA GLY C 219 -10.74 42.32 12.56
C GLY C 219 -11.80 41.62 11.72
N LEU C 220 -12.56 40.73 12.35
CA LEU C 220 -13.57 39.94 11.66
C LEU C 220 -14.54 40.83 10.89
N ARG C 221 -14.80 40.46 9.64
CA ARG C 221 -15.73 41.17 8.78
C ARG C 221 -16.94 40.31 8.48
N SER C 222 -18.01 40.97 8.04
CA SER C 222 -19.24 40.25 7.71
C SER C 222 -19.00 39.22 6.60
N GLU C 223 -18.19 39.58 5.60
CA GLU C 223 -17.92 38.67 4.51
C GLU C 223 -17.09 37.46 4.93
N ASP C 224 -16.58 37.44 6.17
CA ASP C 224 -15.83 36.28 6.65
C ASP C 224 -16.74 35.15 7.10
N GLU C 225 -18.05 35.35 7.12
CA GLU C 225 -18.99 34.29 7.49
C GLU C 225 -18.94 33.17 6.45
N ALA C 226 -18.41 32.02 6.84
CA ALA C 226 -18.20 30.91 5.91
C ALA C 226 -17.79 29.68 6.71
N ASP C 227 -17.54 28.59 6.00
CA ASP C 227 -16.97 27.39 6.57
C ASP C 227 -15.47 27.37 6.31
N TYR C 228 -14.70 26.92 7.29
CA TYR C 228 -13.25 26.91 7.21
C TYR C 228 -12.74 25.49 7.46
N TYR C 229 -11.90 25.00 6.56
CA TYR C 229 -11.35 23.65 6.64
C TYR C 229 -9.83 23.73 6.70
N CYS C 230 -9.23 23.10 7.69
CA CYS C 230 -7.80 22.84 7.64
C CYS C 230 -7.55 21.56 6.84
N ALA C 231 -6.31 21.42 6.36
CA ALA C 231 -5.98 20.28 5.52
C ALA C 231 -4.50 19.94 5.66
N ALA C 232 -4.19 18.65 5.73
CA ALA C 232 -2.81 18.19 5.77
C ALA C 232 -2.76 16.74 5.32
N TRP C 233 -1.80 16.40 4.46
CA TRP C 233 -1.65 15.04 3.99
C TRP C 233 -0.97 14.18 5.04
N ASP C 234 -1.30 12.89 5.03
CA ASP C 234 -0.78 11.94 6.00
C ASP C 234 0.43 11.22 5.40
N GLY C 235 1.55 11.23 6.14
CA GLY C 235 2.77 10.62 5.66
C GLY C 235 2.83 9.11 5.79
N SER C 236 1.95 8.53 6.60
CA SER C 236 1.88 7.08 6.73
C SER C 236 0.87 6.51 5.75
N LEU C 237 -0.37 6.35 6.19
CA LEU C 237 -1.46 5.90 5.32
C LEU C 237 -2.10 7.13 4.68
N SER C 238 -1.74 7.39 3.43
CA SER C 238 -2.21 8.59 2.75
C SER C 238 -3.70 8.53 2.41
N GLY C 239 -4.29 7.35 2.38
CA GLY C 239 -5.69 7.21 2.05
C GLY C 239 -6.66 7.49 3.18
N ARG C 240 -6.16 7.94 4.34
CA ARG C 240 -7.03 8.18 5.48
C ARG C 240 -7.90 9.41 5.25
N GLY C 241 -7.27 10.54 4.93
CA GLY C 241 -7.99 11.79 4.73
C GLY C 241 -7.08 13.00 4.75
N VAL C 242 -7.55 14.11 4.17
CA VAL C 242 -6.77 15.33 4.09
C VAL C 242 -7.44 16.49 4.82
N PHE C 243 -8.75 16.61 4.69
CA PHE C 243 -9.46 17.75 5.23
C PHE C 243 -9.76 17.57 6.72
N GLY C 244 -9.85 18.68 7.42
CA GLY C 244 -10.39 18.68 8.77
C GLY C 244 -11.90 18.48 8.75
N THR C 245 -12.47 18.48 9.94
CA THR C 245 -13.92 18.34 10.07
C THR C 245 -14.65 19.60 9.63
N GLY C 246 -14.01 20.75 9.67
CA GLY C 246 -14.67 21.96 9.23
C GLY C 246 -15.26 22.75 10.38
N THR C 247 -15.21 24.07 10.26
CA THR C 247 -15.73 24.97 11.28
C THR C 247 -16.64 25.98 10.60
N LYS C 248 -17.89 26.06 11.04
CA LYS C 248 -18.82 27.07 10.57
C LYS C 248 -18.62 28.33 11.41
N LEU C 249 -18.30 29.44 10.75
CA LEU C 249 -18.07 30.71 11.41
C LEU C 249 -19.25 31.65 11.15
N THR C 250 -19.94 32.03 12.22
CA THR C 250 -21.05 32.97 12.16
C THR C 250 -20.60 34.33 12.65
N VAL C 251 -21.08 35.40 12.01
CA VAL C 251 -20.79 36.76 12.42
C VAL C 251 -22.08 37.38 12.95
N LEU C 252 -22.04 37.85 14.20
CA LEU C 252 -23.19 38.47 14.84
C LEU C 252 -23.17 39.96 14.54
N GLU C 253 -24.12 40.42 13.72
CA GLU C 253 -24.18 41.82 13.34
C GLU C 253 -24.78 42.69 14.43
N GLN D 1 13.76 31.31 -16.24
CA GLN D 1 14.94 30.49 -16.46
C GLN D 1 15.62 30.16 -15.13
N VAL D 2 15.12 29.14 -14.45
CA VAL D 2 15.68 28.72 -13.17
C VAL D 2 16.99 27.98 -13.43
N GLN D 3 17.99 28.25 -12.59
CA GLN D 3 19.29 27.59 -12.67
C GLN D 3 19.46 26.65 -11.47
N LEU D 4 19.99 25.46 -11.74
CA LEU D 4 20.25 24.47 -10.70
C LEU D 4 21.75 24.29 -10.56
N VAL D 5 22.23 24.31 -9.31
CA VAL D 5 23.65 24.13 -9.00
C VAL D 5 23.77 23.09 -7.90
N GLU D 6 24.45 21.98 -8.19
CA GLU D 6 24.72 20.94 -7.21
C GLU D 6 26.03 21.23 -6.49
N SER D 7 26.12 20.73 -5.26
CA SER D 7 27.34 20.88 -4.47
C SER D 7 27.36 19.83 -3.38
N GLY D 8 28.56 19.58 -2.84
CA GLY D 8 28.77 18.60 -1.80
C GLY D 8 29.55 17.38 -2.23
N GLY D 9 29.81 17.23 -3.53
CA GLY D 9 30.52 16.06 -4.01
C GLY D 9 32.00 16.09 -3.64
N GLY D 10 32.63 14.94 -3.78
CA GLY D 10 34.05 14.82 -3.50
C GLY D 10 34.42 13.39 -3.17
N LEU D 11 35.58 13.23 -2.55
CA LEU D 11 36.09 11.92 -2.17
C LEU D 11 35.53 11.53 -0.80
N VAL D 12 35.19 10.25 -0.66
CA VAL D 12 34.63 9.74 0.60
C VAL D 12 34.99 8.26 0.70
N GLN D 13 35.34 7.82 1.90
CA GLN D 13 35.68 6.43 2.11
C GLN D 13 34.42 5.57 2.10
N ALA D 14 34.58 4.31 1.70
CA ALA D 14 33.46 3.37 1.73
C ALA D 14 32.89 3.28 3.13
N GLY D 15 31.56 3.14 3.21
CA GLY D 15 30.87 3.16 4.48
C GLY D 15 30.63 4.53 5.04
N GLY D 16 31.21 5.58 4.47
CA GLY D 16 31.02 6.93 4.94
C GLY D 16 29.71 7.53 4.46
N SER D 17 29.49 8.78 4.86
CA SER D 17 28.27 9.50 4.57
C SER D 17 28.60 10.78 3.80
N LEU D 18 27.61 11.24 3.03
CA LEU D 18 27.77 12.46 2.26
C LEU D 18 26.39 13.02 1.98
N ARG D 19 26.27 14.35 2.07
CA ARG D 19 25.03 15.05 1.78
C ARG D 19 25.26 15.99 0.60
N LEU D 20 24.54 15.78 -0.48
CA LEU D 20 24.57 16.69 -1.62
C LEU D 20 23.47 17.73 -1.50
N SER D 21 23.74 18.90 -2.06
CA SER D 21 22.78 19.99 -2.11
C SER D 21 22.50 20.36 -3.56
N CYS D 22 21.23 20.62 -3.86
CA CYS D 22 20.81 21.16 -5.14
C CYS D 22 20.17 22.52 -4.87
N ALA D 23 20.75 23.57 -5.43
CA ALA D 23 20.32 24.94 -5.18
C ALA D 23 19.62 25.49 -6.42
N ALA D 24 18.40 25.99 -6.25
CA ALA D 24 17.66 26.62 -7.32
C ALA D 24 17.86 28.13 -7.24
N SER D 25 18.04 28.76 -8.41
CA SER D 25 18.30 30.19 -8.46
C SER D 25 17.10 31.00 -7.98
N ARG D 26 15.88 30.48 -8.15
CA ARG D 26 14.68 31.18 -7.71
C ARG D 26 13.54 30.18 -7.59
N ARG D 27 12.48 30.62 -6.93
CA ARG D 27 11.27 29.81 -6.84
C ARG D 27 10.54 29.84 -8.19
N SER D 28 9.74 28.80 -8.42
CA SER D 28 8.98 28.70 -9.66
C SER D 28 7.73 27.87 -9.43
N SER D 29 6.59 28.40 -9.86
CA SER D 29 5.33 27.66 -9.76
C SER D 29 5.22 26.55 -10.79
N ARG D 30 6.08 26.52 -11.80
CA ARG D 30 6.03 25.45 -12.79
C ARG D 30 6.71 24.18 -12.26
N SER D 31 7.76 24.35 -11.46
CA SER D 31 8.49 23.21 -10.92
C SER D 31 7.70 22.59 -9.77
N TRP D 32 7.46 21.29 -9.85
CA TRP D 32 6.75 20.59 -8.79
C TRP D 32 7.52 19.44 -8.17
N ALA D 33 8.58 18.97 -8.82
CA ALA D 33 9.39 17.89 -8.28
C ALA D 33 10.84 18.15 -8.61
N MET D 34 11.73 17.68 -7.74
CA MET D 34 13.17 17.74 -7.94
C MET D 34 13.71 16.32 -7.90
N HIS D 35 14.36 15.90 -8.98
CA HIS D 35 14.93 14.57 -9.11
C HIS D 35 16.44 14.59 -8.88
N TRP D 36 16.97 13.42 -8.53
CA TRP D 36 18.41 13.16 -8.58
C TRP D 36 18.66 12.04 -9.57
N VAL D 37 19.59 12.26 -10.49
CA VAL D 37 20.00 11.29 -11.50
C VAL D 37 21.51 11.16 -11.43
N ARG D 38 22.01 9.93 -11.39
CA ARG D 38 23.45 9.70 -11.28
C ARG D 38 23.95 8.88 -12.47
N GLN D 39 25.27 8.91 -12.65
CA GLN D 39 25.89 8.25 -13.80
C GLN D 39 27.32 7.88 -13.44
N ALA D 40 27.59 6.58 -13.38
CA ALA D 40 28.96 6.13 -13.20
C ALA D 40 29.76 6.41 -14.48
N PRO D 41 31.07 6.66 -14.35
CA PRO D 41 31.87 6.95 -15.53
C PRO D 41 31.76 5.86 -16.59
N GLY D 42 31.41 6.27 -17.80
CA GLY D 42 31.23 5.36 -18.92
C GLY D 42 29.99 4.51 -18.88
N LYS D 43 29.09 4.73 -17.93
CA LYS D 43 27.88 3.94 -17.78
C LYS D 43 26.66 4.77 -18.14
N GLY D 44 25.49 4.13 -18.08
CA GLY D 44 24.25 4.80 -18.41
C GLY D 44 23.71 5.64 -17.26
N LEU D 45 22.63 6.35 -17.56
CA LEU D 45 21.97 7.19 -16.56
C LEU D 45 21.12 6.32 -15.64
N GLU D 46 21.05 6.71 -14.37
CA GLU D 46 20.23 5.98 -13.40
C GLU D 46 19.50 6.97 -12.52
N TRP D 47 18.17 6.94 -12.58
CA TRP D 47 17.37 7.76 -11.69
C TRP D 47 17.55 7.30 -10.25
N VAL D 48 17.63 8.26 -9.33
CA VAL D 48 17.97 8.00 -7.92
C VAL D 48 16.78 8.27 -7.00
N ALA D 49 16.26 9.49 -7.00
CA ALA D 49 15.20 9.86 -6.07
C ALA D 49 14.48 11.11 -6.57
N VAL D 50 13.35 11.41 -5.94
CA VAL D 50 12.57 12.60 -6.28
C VAL D 50 11.79 13.06 -5.05
N ILE D 51 11.64 14.38 -4.93
CA ILE D 51 10.85 14.97 -3.85
C ILE D 51 9.97 16.07 -4.43
N SER D 52 8.71 16.10 -4.01
CA SER D 52 7.77 17.10 -4.51
C SER D 52 8.09 18.46 -3.89
N TYR D 53 7.50 19.51 -4.48
CA TYR D 53 7.77 20.87 -4.04
C TYR D 53 7.41 21.07 -2.57
N ASP D 54 6.43 20.35 -2.06
CA ASP D 54 6.00 20.47 -0.68
C ASP D 54 6.58 19.39 0.22
N GLY D 55 7.43 18.51 -0.31
CA GLY D 55 8.06 17.47 0.46
C GLY D 55 7.20 16.28 0.81
N ARG D 56 5.92 16.28 0.40
CA ARG D 56 5.01 15.22 0.83
C ARG D 56 5.17 13.94 0.03
N LEU D 57 5.73 14.02 -1.19
CA LEU D 57 5.97 12.84 -2.01
C LEU D 57 7.48 12.62 -2.11
N LYS D 58 7.92 11.39 -1.82
CA LYS D 58 9.31 10.99 -1.93
C LYS D 58 9.38 9.58 -2.47
N TYR D 59 10.19 9.38 -3.51
CA TYR D 59 10.40 8.06 -4.09
C TYR D 59 11.89 7.84 -4.33
N TYR D 60 12.30 6.58 -4.25
CA TYR D 60 13.70 6.20 -4.38
C TYR D 60 13.84 5.01 -5.30
N ALA D 61 14.95 4.95 -6.03
CA ALA D 61 15.30 3.74 -6.75
C ALA D 61 15.70 2.63 -5.77
N ASP D 62 15.43 1.38 -6.16
CA ASP D 62 15.73 0.25 -5.29
C ASP D 62 17.22 0.14 -4.99
N SER D 63 18.09 0.66 -5.86
CA SER D 63 19.52 0.57 -5.63
C SER D 63 20.01 1.49 -4.52
N VAL D 64 19.18 2.43 -4.06
CA VAL D 64 19.57 3.35 -3.00
C VAL D 64 18.57 3.38 -1.85
N LYS D 65 17.46 2.65 -1.96
CA LYS D 65 16.43 2.66 -0.93
C LYS D 65 16.99 2.16 0.39
N GLY D 66 16.72 2.90 1.47
CA GLY D 66 17.20 2.55 2.79
C GLY D 66 18.53 3.16 3.15
N ARG D 67 19.35 3.56 2.17
CA ARG D 67 20.60 4.24 2.43
C ARG D 67 20.57 5.72 2.11
N PHE D 68 19.77 6.12 1.13
CA PHE D 68 19.66 7.52 0.71
C PHE D 68 18.36 8.11 1.25
N THR D 69 18.42 9.40 1.61
CA THR D 69 17.26 10.14 2.05
C THR D 69 17.22 11.47 1.33
N ILE D 70 16.09 11.79 0.71
CA ILE D 70 15.90 13.06 0.02
C ILE D 70 15.03 13.96 0.90
N SER D 71 15.36 15.24 0.93
CA SER D 71 14.65 16.21 1.75
C SER D 71 14.87 17.58 1.14
N ARG D 72 14.12 18.56 1.63
CA ARG D 72 14.30 19.92 1.16
C ARG D 72 14.14 20.89 2.33
N ASP D 73 14.59 22.12 2.11
CA ASP D 73 14.52 23.19 3.10
C ASP D 73 13.96 24.42 2.37
N ASN D 74 12.69 24.73 2.62
CA ASN D 74 12.04 25.83 1.92
C ASN D 74 12.64 27.18 2.26
N ALA D 75 13.36 27.29 3.38
CA ALA D 75 14.01 28.54 3.77
C ALA D 75 15.02 28.98 2.73
N GLU D 76 16.10 28.22 2.56
CA GLU D 76 17.12 28.54 1.57
C GLU D 76 16.81 27.98 0.19
N TYR D 77 15.64 27.33 0.03
CA TYR D 77 15.21 26.75 -1.24
C TYR D 77 16.27 25.77 -1.79
N LEU D 78 16.60 24.80 -0.95
CA LEU D 78 17.58 23.78 -1.26
C LEU D 78 16.92 22.41 -1.22
N VAL D 79 17.45 21.47 -2.02
CA VAL D 79 17.07 20.07 -1.95
C VAL D 79 18.29 19.27 -1.56
N TYR D 80 18.15 18.41 -0.55
CA TYR D 80 19.26 17.65 0.00
C TYR D 80 19.13 16.18 -0.37
N LEU D 81 20.27 15.55 -0.64
CA LEU D 81 20.35 14.10 -0.81
C LEU D 81 21.36 13.58 0.21
N GLN D 82 20.85 12.96 1.27
CA GLN D 82 21.69 12.38 2.31
C GLN D 82 22.04 10.95 1.90
N MET D 83 23.33 10.70 1.69
CA MET D 83 23.82 9.40 1.24
C MET D 83 24.62 8.77 2.37
N ASN D 84 24.14 7.64 2.88
CA ASN D 84 24.77 6.93 3.98
C ASN D 84 25.25 5.56 3.50
N SER D 85 26.24 5.02 4.22
CA SER D 85 26.81 3.71 3.92
C SER D 85 27.20 3.60 2.45
N LEU D 86 27.96 4.59 1.98
CA LEU D 86 28.33 4.66 0.58
C LEU D 86 29.22 3.48 0.19
N ARG D 87 28.99 2.95 -1.01
CA ARG D 87 29.78 1.86 -1.55
C ARG D 87 30.32 2.26 -2.92
N ALA D 88 31.21 1.42 -3.46
CA ALA D 88 31.85 1.73 -4.74
C ALA D 88 30.83 1.90 -5.86
N GLU D 89 29.73 1.15 -5.82
CA GLU D 89 28.68 1.27 -6.83
C GLU D 89 28.00 2.64 -6.82
N ASP D 90 28.22 3.44 -5.77
CA ASP D 90 27.65 4.78 -5.70
C ASP D 90 28.55 5.85 -6.31
N THR D 91 29.77 5.49 -6.70
CA THR D 91 30.63 6.43 -7.41
C THR D 91 29.99 6.84 -8.73
N ALA D 92 29.76 8.14 -8.90
CA ALA D 92 29.01 8.65 -10.04
C ALA D 92 28.99 10.16 -10.00
N VAL D 93 28.71 10.77 -11.15
CA VAL D 93 28.29 12.17 -11.19
C VAL D 93 26.81 12.23 -10.85
N TYR D 94 26.46 13.09 -9.90
CA TYR D 94 25.10 13.22 -9.43
C TYR D 94 24.50 14.52 -9.95
N TYR D 95 23.40 14.40 -10.69
CA TYR D 95 22.68 15.54 -11.23
C TYR D 95 21.37 15.72 -10.49
N CYS D 96 20.97 16.97 -10.27
CA CYS D 96 19.60 17.25 -9.88
C CYS D 96 18.87 17.84 -11.08
N ALA D 97 17.59 17.47 -11.22
CA ALA D 97 16.80 17.89 -12.36
C ALA D 97 15.38 18.16 -11.90
N ALA D 98 14.83 19.29 -12.34
CA ALA D 98 13.50 19.71 -11.93
C ALA D 98 12.46 19.25 -12.95
N GLU D 99 11.29 18.88 -12.45
CA GLU D 99 10.18 18.47 -13.29
C GLU D 99 9.07 19.52 -13.19
N GLU D 100 8.66 20.03 -14.34
CA GLU D 100 7.56 20.98 -14.42
C GLU D 100 6.24 20.24 -14.66
N GLY D 101 5.15 21.00 -14.62
CA GLY D 101 3.82 20.45 -14.85
C GLY D 101 3.50 20.09 -16.28
N ASP D 102 4.43 20.33 -17.21
CA ASP D 102 4.32 19.90 -18.59
C ASP D 102 5.71 19.50 -19.05
N GLY D 103 5.83 19.03 -20.29
CA GLY D 103 7.14 18.61 -20.77
C GLY D 103 7.47 17.19 -20.36
N GLY D 104 8.72 16.96 -19.93
CA GLY D 104 9.17 15.62 -19.63
C GLY D 104 9.59 15.38 -18.20
N PHE D 105 10.15 14.21 -17.91
CA PHE D 105 10.49 13.87 -16.54
C PHE D 105 11.53 14.82 -15.96
N PHE D 106 12.51 15.23 -16.77
CA PHE D 106 13.63 16.06 -16.33
C PHE D 106 13.75 17.24 -17.29
N ASP D 107 13.09 18.35 -16.94
CA ASP D 107 12.93 19.45 -17.88
C ASP D 107 14.17 20.33 -17.96
N TYR D 108 14.84 20.56 -16.83
CA TYR D 108 16.14 21.22 -16.85
C TYR D 108 17.00 20.63 -15.74
N TRP D 109 18.32 20.64 -15.96
CA TRP D 109 19.28 19.95 -15.12
C TRP D 109 20.27 20.92 -14.49
N GLY D 110 20.93 20.46 -13.43
CA GLY D 110 22.09 21.14 -12.90
C GLY D 110 23.34 20.81 -13.72
N GLN D 111 24.49 21.19 -13.17
CA GLN D 111 25.76 20.94 -13.83
C GLN D 111 26.35 19.58 -13.47
N GLY D 112 26.00 19.04 -12.32
CA GLY D 112 26.51 17.75 -11.87
C GLY D 112 27.64 17.91 -10.86
N THR D 113 27.70 16.96 -9.92
CA THR D 113 28.79 16.92 -8.95
C THR D 113 29.25 15.48 -8.81
N LEU D 114 30.57 15.28 -8.82
CA LEU D 114 31.15 13.95 -8.80
C LEU D 114 31.31 13.46 -7.37
N VAL D 115 30.87 12.23 -7.13
CA VAL D 115 31.07 11.54 -5.86
C VAL D 115 31.92 10.32 -6.13
N THR D 116 33.08 10.24 -5.46
CA THR D 116 34.02 9.13 -5.64
C THR D 116 34.16 8.40 -4.32
N VAL D 117 33.79 7.11 -4.31
CA VAL D 117 33.88 6.27 -3.13
C VAL D 117 35.15 5.44 -3.23
N SER D 118 36.05 5.62 -2.25
CA SER D 118 37.40 5.07 -2.36
C SER D 118 37.42 3.55 -2.24
N SER D 119 36.57 3.00 -1.38
CA SER D 119 36.52 1.55 -1.14
C SER D 119 37.88 1.00 -0.73
N VAL D 144 13.37 -3.53 -18.34
CA VAL D 144 14.45 -2.71 -18.87
C VAL D 144 14.10 -2.22 -20.27
N LEU D 145 14.61 -1.04 -20.63
CA LEU D 145 14.40 -0.45 -21.95
C LEU D 145 15.67 -0.65 -22.75
N THR D 146 15.60 -1.49 -23.78
CA THR D 146 16.77 -1.86 -24.56
C THR D 146 16.90 -0.97 -25.79
N GLN D 147 18.10 -0.45 -26.00
CA GLN D 147 18.45 0.34 -27.18
C GLN D 147 19.66 -0.28 -27.85
N PRO D 148 19.86 -0.03 -29.14
CA PRO D 148 21.11 -0.44 -29.78
C PRO D 148 22.28 0.25 -29.12
N PRO D 149 23.35 -0.49 -28.83
CA PRO D 149 24.51 0.11 -28.15
C PRO D 149 25.10 1.29 -28.91
N SER D 150 25.06 1.26 -30.24
CA SER D 150 25.72 2.30 -31.01
C SER D 150 24.96 2.54 -32.31
N ALA D 151 25.25 3.68 -32.93
CA ALA D 151 24.69 4.05 -34.23
C ALA D 151 25.64 5.04 -34.87
N SER D 152 25.57 5.14 -36.20
CA SER D 152 26.48 5.98 -36.95
C SER D 152 25.75 6.62 -38.12
N GLY D 153 26.33 7.71 -38.63
CA GLY D 153 25.79 8.37 -39.80
C GLY D 153 26.73 9.45 -40.28
N THR D 154 26.54 9.83 -41.54
CA THR D 154 27.24 10.94 -42.18
C THR D 154 26.40 12.20 -42.10
N PRO D 155 27.01 13.38 -42.19
CA PRO D 155 26.24 14.63 -42.15
C PRO D 155 25.14 14.66 -43.20
N GLY D 156 23.95 15.08 -42.78
CA GLY D 156 22.78 15.09 -43.64
C GLY D 156 21.96 13.82 -43.61
N GLN D 157 22.53 12.72 -43.13
CA GLN D 157 21.82 11.44 -43.12
C GLN D 157 20.71 11.45 -42.08
N ARG D 158 19.68 10.65 -42.33
CA ARG D 158 18.61 10.43 -41.37
C ARG D 158 18.91 9.17 -40.58
N VAL D 159 18.98 9.29 -39.25
CA VAL D 159 19.31 8.18 -38.37
C VAL D 159 18.14 7.96 -37.43
N THR D 160 17.79 6.69 -37.24
CA THR D 160 16.74 6.30 -36.29
C THR D 160 17.35 5.46 -35.18
N ILE D 161 16.88 5.69 -33.96
CA ILE D 161 17.33 4.95 -32.78
C ILE D 161 16.11 4.30 -32.14
N SER D 162 16.19 3.00 -31.93
CA SER D 162 15.06 2.26 -31.40
C SER D 162 15.14 2.16 -29.88
N CYS D 163 13.97 1.89 -29.27
CA CYS D 163 13.86 1.70 -27.84
C CYS D 163 12.78 0.66 -27.62
N SER D 164 13.18 -0.54 -27.18
CA SER D 164 12.26 -1.65 -26.98
C SER D 164 11.95 -1.80 -25.50
N GLY D 165 10.67 -1.70 -25.16
CA GLY D 165 10.25 -1.83 -23.77
C GLY D 165 9.24 -2.93 -23.56
N SER D 166 8.41 -2.78 -22.53
CA SER D 166 7.38 -3.77 -22.19
C SER D 166 6.07 -3.04 -21.94
N SER D 167 5.03 -3.82 -21.66
CA SER D 167 3.70 -3.25 -21.44
C SER D 167 3.65 -2.40 -20.17
N SER D 168 4.52 -2.69 -19.20
CA SER D 168 4.49 -1.97 -17.94
C SER D 168 5.11 -0.59 -18.04
N ASN D 169 6.06 -0.38 -18.95
CA ASN D 169 6.69 0.92 -19.10
C ASN D 169 6.17 1.66 -20.32
N ILE D 170 6.71 1.34 -21.50
CA ILE D 170 6.29 2.01 -22.72
C ILE D 170 4.81 1.74 -23.00
N GLY D 171 4.38 0.49 -22.83
CA GLY D 171 3.00 0.13 -23.09
C GLY D 171 1.99 0.85 -22.22
N SER D 172 2.43 1.44 -21.10
CA SER D 172 1.52 2.07 -20.15
C SER D 172 1.78 3.55 -19.92
N ASN D 173 2.97 4.06 -20.25
CA ASN D 173 3.34 5.43 -19.89
C ASN D 173 3.94 6.13 -21.10
N TYR D 174 4.17 7.44 -20.93
CA TYR D 174 4.79 8.25 -21.97
C TYR D 174 6.28 7.95 -22.09
N VAL D 175 6.82 8.20 -23.28
CA VAL D 175 8.23 8.00 -23.57
C VAL D 175 8.90 9.37 -23.65
N ASN D 176 10.08 9.47 -23.05
CA ASN D 176 10.95 10.63 -23.18
C ASN D 176 12.24 10.23 -23.90
N TRP D 177 12.91 11.21 -24.49
CA TRP D 177 14.25 11.03 -25.04
C TRP D 177 15.17 12.10 -24.47
N TYR D 178 16.42 11.70 -24.19
CA TYR D 178 17.41 12.60 -23.63
C TYR D 178 18.71 12.50 -24.41
N GLN D 179 19.32 13.65 -24.67
CA GLN D 179 20.60 13.75 -25.34
C GLN D 179 21.67 14.14 -24.34
N GLN D 180 22.83 13.48 -24.40
CA GLN D 180 23.94 13.80 -23.51
C GLN D 180 25.22 13.98 -24.31
N LEU D 181 25.70 15.22 -24.38
CA LEU D 181 27.02 15.50 -24.93
C LEU D 181 28.10 15.01 -23.96
N PRO D 182 29.30 14.71 -24.48
CA PRO D 182 30.35 14.13 -23.62
C PRO D 182 30.64 14.96 -22.37
N GLY D 183 30.60 14.30 -21.22
CA GLY D 183 30.97 14.93 -19.97
C GLY D 183 30.12 16.11 -19.57
N THR D 184 28.86 16.13 -19.98
CA THR D 184 27.93 17.19 -19.65
C THR D 184 26.61 16.58 -19.19
N ALA D 185 25.82 17.39 -18.50
CA ALA D 185 24.49 16.95 -18.08
C ALA D 185 23.61 16.69 -19.30
N PRO D 186 22.79 15.65 -19.25
CA PRO D 186 21.82 15.42 -20.33
C PRO D 186 20.82 16.56 -20.42
N LYS D 187 20.12 16.60 -21.56
CA LYS D 187 19.03 17.55 -21.77
C LYS D 187 17.83 16.80 -22.34
N LEU D 188 16.64 17.34 -22.07
CA LEU D 188 15.42 16.77 -22.61
C LEU D 188 15.32 17.04 -24.10
N LEU D 189 15.07 15.99 -24.88
CA LEU D 189 14.99 16.07 -26.33
C LEU D 189 13.56 15.88 -26.84
N ILE D 190 12.87 14.86 -26.33
CA ILE D 190 11.51 14.55 -26.73
C ILE D 190 10.72 14.21 -25.46
N TYR D 191 9.54 14.80 -25.32
CA TYR D 191 8.66 14.45 -24.21
C TYR D 191 7.30 14.03 -24.74
N ARG D 192 6.61 13.21 -23.94
CA ARG D 192 5.32 12.63 -24.29
C ARG D 192 5.32 12.12 -25.74
N ASN D 193 6.25 11.19 -25.98
CA ASN D 193 6.36 10.40 -27.20
C ASN D 193 6.88 11.19 -28.39
N ASN D 194 6.30 12.36 -28.69
CA ASN D 194 6.63 13.00 -29.96
C ASN D 194 6.70 14.52 -29.91
N GLU D 195 6.84 15.13 -28.73
CA GLU D 195 6.84 16.58 -28.63
C GLU D 195 8.22 17.09 -28.24
N ARG D 196 8.59 18.25 -28.80
CA ARG D 196 9.88 18.87 -28.63
C ARG D 196 9.78 20.07 -27.70
N PRO D 197 10.67 20.20 -26.72
CA PRO D 197 10.72 21.42 -25.92
C PRO D 197 11.32 22.56 -26.71
N SER D 198 11.27 23.75 -26.13
CA SER D 198 11.89 24.91 -26.74
C SER D 198 13.40 24.70 -26.84
N GLY D 199 13.97 25.08 -27.98
CA GLY D 199 15.39 24.97 -28.20
C GLY D 199 15.85 23.69 -28.87
N VAL D 200 14.95 22.74 -29.08
CA VAL D 200 15.26 21.48 -29.76
C VAL D 200 14.82 21.61 -31.21
N PRO D 201 15.72 21.53 -32.18
CA PRO D 201 15.34 21.74 -33.58
C PRO D 201 14.41 20.65 -34.09
N ASP D 202 13.62 21.00 -35.10
CA ASP D 202 12.65 20.07 -35.67
C ASP D 202 13.28 18.90 -36.40
N ARG D 203 14.62 18.83 -36.49
CA ARG D 203 15.26 17.65 -37.04
C ARG D 203 15.05 16.42 -36.18
N PHE D 204 14.73 16.61 -34.90
CA PHE D 204 14.48 15.51 -33.97
C PHE D 204 12.98 15.24 -33.90
N SER D 205 12.61 13.98 -34.07
CA SER D 205 11.22 13.56 -33.91
C SER D 205 11.19 12.22 -33.19
N GLY D 206 10.11 12.01 -32.43
CA GLY D 206 9.93 10.76 -31.71
C GLY D 206 8.60 10.14 -32.07
N SER D 207 8.52 8.82 -31.86
CA SER D 207 7.29 8.10 -32.10
C SER D 207 7.25 6.88 -31.20
N LYS D 208 6.03 6.38 -30.97
CA LYS D 208 5.82 5.23 -30.10
C LYS D 208 4.71 4.36 -30.68
N SER D 209 4.95 3.04 -30.69
CA SER D 209 3.97 2.07 -31.18
C SER D 209 4.02 0.85 -30.27
N GLY D 210 2.96 0.64 -29.49
CA GLY D 210 2.88 -0.51 -28.62
C GLY D 210 3.84 -0.43 -27.45
N THR D 211 4.80 -1.35 -27.40
CA THR D 211 5.80 -1.37 -26.34
C THR D 211 7.18 -0.95 -26.85
N SER D 212 7.24 -0.25 -27.97
CA SER D 212 8.50 0.21 -28.53
C SER D 212 8.36 1.66 -28.97
N ALA D 213 9.49 2.34 -29.03
CA ALA D 213 9.55 3.75 -29.40
C ALA D 213 10.75 3.96 -30.31
N SER D 214 10.80 5.14 -30.93
CA SER D 214 11.88 5.42 -31.87
C SER D 214 12.18 6.91 -31.90
N LEU D 215 13.46 7.25 -31.99
CA LEU D 215 13.91 8.61 -32.18
C LEU D 215 14.51 8.74 -33.58
N ALA D 216 14.07 9.77 -34.31
CA ALA D 216 14.53 10.02 -35.67
C ALA D 216 15.24 11.36 -35.72
N ILE D 217 16.43 11.37 -36.32
CA ILE D 217 17.23 12.58 -36.47
C ILE D 217 17.43 12.79 -37.97
N SER D 218 16.68 13.72 -38.55
CA SER D 218 16.85 14.08 -39.95
C SER D 218 17.99 15.08 -40.10
N GLY D 219 18.69 14.98 -41.23
CA GLY D 219 19.80 15.87 -41.50
C GLY D 219 20.84 15.89 -40.40
N LEU D 220 21.48 14.75 -40.16
CA LEU D 220 22.43 14.60 -39.08
C LEU D 220 23.50 15.69 -39.13
N ARG D 221 23.75 16.32 -37.99
CA ARG D 221 24.75 17.37 -37.88
C ARG D 221 25.92 16.89 -37.03
N SER D 222 27.03 17.62 -37.14
CA SER D 222 28.20 17.33 -36.32
C SER D 222 27.87 17.42 -34.84
N GLU D 223 27.11 18.45 -34.45
CA GLU D 223 26.75 18.66 -33.06
C GLU D 223 25.86 17.55 -32.50
N ASP D 224 25.30 16.70 -33.37
CA ASP D 224 24.41 15.63 -32.93
C ASP D 224 25.16 14.42 -32.39
N GLU D 225 26.48 14.39 -32.49
CA GLU D 225 27.26 13.29 -31.92
C GLU D 225 27.15 13.33 -30.40
N ALA D 226 26.47 12.36 -29.83
CA ALA D 226 26.18 12.33 -28.40
C ALA D 226 25.61 10.95 -28.07
N ASP D 227 25.33 10.75 -26.78
CA ASP D 227 24.58 9.59 -26.35
C ASP D 227 23.10 9.95 -26.25
N TYR D 228 22.24 9.01 -26.58
CA TYR D 228 20.80 9.23 -26.58
C TYR D 228 20.12 8.16 -25.73
N TYR D 229 19.31 8.59 -24.77
CA TYR D 229 18.61 7.70 -23.85
C TYR D 229 17.11 7.88 -24.00
N CYS D 230 16.40 6.78 -24.24
CA CYS D 230 14.96 6.79 -24.05
C CYS D 230 14.65 6.59 -22.56
N ALA D 231 13.43 6.94 -22.18
CA ALA D 231 13.05 6.84 -20.78
C ALA D 231 11.54 6.74 -20.66
N ALA D 232 11.08 5.88 -19.76
CA ALA D 232 9.66 5.73 -19.49
C ALA D 232 9.49 5.07 -18.13
N TRP D 233 8.63 5.65 -17.29
CA TRP D 233 8.39 5.09 -15.97
C TRP D 233 7.62 3.78 -16.06
N ASP D 234 7.89 2.87 -15.13
CA ASP D 234 7.30 1.55 -15.12
C ASP D 234 6.14 1.50 -14.12
N GLY D 235 4.97 1.06 -14.59
CA GLY D 235 3.80 1.01 -13.74
C GLY D 235 3.80 -0.09 -12.71
N SER D 236 4.64 -1.11 -12.89
CA SER D 236 4.70 -2.23 -11.94
C SER D 236 5.78 -2.00 -10.88
N GLY D 239 10.84 1.92 -8.56
CA GLY D 239 11.66 0.76 -8.25
C GLY D 239 12.67 0.44 -9.33
N ARG D 240 12.19 -0.18 -10.42
CA ARG D 240 13.06 -0.47 -11.56
C ARG D 240 13.40 0.80 -12.32
N GLY D 241 14.46 0.72 -13.12
CA GLY D 241 14.98 1.90 -13.78
C GLY D 241 13.99 2.53 -14.75
N VAL D 242 14.17 3.83 -14.97
CA VAL D 242 13.39 4.58 -15.92
C VAL D 242 14.13 4.80 -17.24
N PHE D 243 15.45 4.88 -17.22
CA PHE D 243 16.21 5.17 -18.44
C PHE D 243 16.44 3.90 -19.26
N GLY D 244 16.55 4.09 -20.57
CA GLY D 244 16.99 3.03 -21.45
C GLY D 244 18.49 2.78 -21.33
N THR D 245 18.96 1.76 -22.07
CA THR D 245 20.37 1.40 -22.00
C THR D 245 21.27 2.46 -22.63
N GLY D 246 20.75 3.23 -23.57
CA GLY D 246 21.52 4.31 -24.16
C GLY D 246 22.15 3.90 -25.47
N THR D 247 22.25 4.86 -26.39
CA THR D 247 22.82 4.63 -27.70
C THR D 247 23.87 5.69 -27.97
N LYS D 248 25.07 5.25 -28.35
CA LYS D 248 26.15 6.16 -28.71
C LYS D 248 26.08 6.43 -30.21
N LEU D 249 25.81 7.68 -30.58
CA LEU D 249 25.72 8.07 -31.98
C LEU D 249 27.00 8.81 -32.37
N THR D 250 27.76 8.24 -33.29
CA THR D 250 28.97 8.85 -33.81
C THR D 250 28.71 9.37 -35.22
N VAL D 251 29.15 10.59 -35.48
CA VAL D 251 29.02 11.22 -36.80
C VAL D 251 30.40 11.25 -37.44
N LEU D 252 30.48 10.73 -38.66
CA LEU D 252 31.75 10.73 -39.41
C LEU D 252 31.88 12.06 -40.13
N GLU D 253 32.71 12.93 -39.58
CA GLU D 253 32.78 14.31 -40.05
C GLU D 253 33.55 14.43 -41.35
N ASN D 254 34.45 13.48 -41.63
CA ASN D 254 35.20 13.52 -42.88
C ASN D 254 34.29 13.37 -44.09
N LEU D 255 33.14 12.72 -43.91
CA LEU D 255 32.21 12.48 -45.01
C LEU D 255 31.03 13.44 -44.94
C1 GOL E . -1.06 -31.65 11.23
O1 GOL E . -0.66 -31.17 9.97
C2 GOL E . -0.85 -30.56 12.26
O2 GOL E . -2.05 -30.35 12.98
C3 GOL E . 0.26 -30.97 13.23
O3 GOL E . 0.54 -29.91 14.11
C1 GOL F . -2.27 -7.98 1.09
O1 GOL F . -3.63 -7.61 0.92
C2 GOL F . -1.67 -7.30 2.32
O2 GOL F . -2.71 -6.90 3.19
C3 GOL F . -0.74 -8.26 3.03
O3 GOL F . 0.34 -8.60 2.19
C1 GOL G . 17.48 -11.42 26.79
O1 GOL G . 18.38 -12.09 27.65
C2 GOL G . 18.19 -10.24 26.10
O2 GOL G . 17.73 -9.02 26.64
C3 GOL G . 19.70 -10.37 26.27
O3 GOL G . 20.36 -9.39 25.50
C1 GOL H . 14.55 -3.95 28.65
O1 GOL H . 15.17 -5.21 28.57
C2 GOL H . 13.06 -4.12 28.96
O2 GOL H . 12.82 -5.39 29.53
C3 GOL H . 12.58 -3.03 29.92
O3 GOL H . 13.11 -3.24 31.22
C1 GOL I . 0.41 -8.67 11.30
O1 GOL I . 0.28 -9.47 12.45
C2 GOL I . -0.92 -8.01 10.94
O2 GOL I . -1.81 -8.06 12.04
C3 GOL I . -0.65 -6.56 10.56
O3 GOL I . -1.87 -5.89 10.34
C1 GOL J . 22.37 -23.94 19.15
O1 GOL J . 20.98 -24.08 19.08
C2 GOL J . 22.87 -23.02 18.04
O2 GOL J . 21.81 -22.20 17.61
C3 GOL J . 23.99 -22.15 18.60
O3 GOL J . 23.46 -21.26 19.56
C1 GOL K . 16.68 -32.47 17.14
O1 GOL K . 15.51 -32.08 16.45
C2 GOL K . 16.90 -33.96 16.94
O2 GOL K . 15.84 -34.71 17.49
C3 GOL K . 18.23 -34.38 17.57
O3 GOL K . 19.22 -34.40 16.56
C1 GOL L . 6.63 -20.85 32.91
O1 GOL L . 5.44 -20.32 32.35
C2 GOL L . 6.26 -22.02 33.81
O2 GOL L . 7.12 -23.11 33.53
C3 GOL L . 6.41 -21.60 35.27
O3 GOL L . 6.20 -22.70 36.12
C1 PEG M . -12.29 -8.97 18.04
O1 PEG M . -12.44 -10.31 17.63
C2 PEG M . -11.74 -8.93 19.47
O2 PEG M . -11.72 -7.60 19.93
C3 PEG M . -10.85 -7.37 20.99
C4 PEG M . -11.32 -8.12 22.24
O4 PEG M . -10.44 -7.87 23.31
K K N . -2.12 -18.27 17.62
K K O . 1.52 -24.48 7.72
C1 GOL P . -7.66 -12.00 1.91
O1 GOL P . -7.78 -13.40 1.81
C2 GOL P . -6.18 -11.62 1.83
O2 GOL P . -5.55 -12.36 0.82
C3 GOL P . -6.04 -10.13 1.52
O3 GOL P . -6.74 -9.82 0.34
C1 PEG Q . 4.06 -20.78 -5.83
O1 PEG Q . 3.38 -21.16 -7.00
C2 PEG Q . 3.66 -19.38 -5.39
O2 PEG Q . 3.92 -19.23 -4.02
C3 PEG Q . 4.83 -18.22 -3.70
C4 PEG Q . 4.60 -17.74 -2.26
O4 PEG Q . 4.94 -18.74 -1.35
K K R . -5.68 -23.45 4.08
K K S . -9.30 -21.31 15.30
C1 GOL T . -11.16 27.66 -12.73
O1 GOL T . -12.53 27.39 -12.83
C2 GOL T . -10.93 29.15 -12.50
O2 GOL T . -9.58 29.46 -12.80
C3 GOL T . -11.86 29.98 -13.36
O3 GOL T . -11.41 30.00 -14.70
C1 GOL U . 0.81 28.41 -17.10
O1 GOL U . -0.42 29.09 -16.94
C2 GOL U . 1.71 29.19 -18.07
O2 GOL U . 3.04 29.15 -17.59
C3 GOL U . 1.64 28.53 -19.44
O3 GOL U . 1.99 27.17 -19.36
C1 GOL V . -11.35 37.56 0.80
O1 GOL V . -12.11 37.95 1.93
C2 GOL V . -11.89 36.24 0.26
O2 GOL V . -11.21 35.18 0.89
C3 GOL V . -13.38 36.12 0.53
O3 GOL V . -13.87 34.90 0.01
C1 GOL W . -22.35 23.83 1.26
O1 GOL W . -22.93 24.32 0.07
C2 GOL W . -23.09 22.57 1.72
O2 GOL W . -23.72 21.96 0.62
C3 GOL W . -22.11 21.60 2.35
O3 GOL W . -21.55 22.16 3.53
C1 GOL X . -18.79 20.54 10.03
O1 GOL X . -18.90 21.64 10.92
C2 GOL X . -18.83 21.01 8.57
O2 GOL X . -18.47 22.38 8.47
C3 GOL X . -20.23 20.82 7.99
O3 GOL X . -20.63 19.48 8.14
C1 GOL Y . 8.77 8.94 -9.25
O1 GOL Y . 8.77 9.70 -10.43
C2 GOL Y . 7.52 8.07 -9.18
O2 GOL Y . 6.94 8.00 -10.46
C3 GOL Y . 7.92 6.67 -8.72
O3 GOL Y . 6.78 5.85 -8.69
C1 GOL Z . -22.46 26.09 -13.63
O1 GOL Z . -22.19 27.01 -14.66
C2 GOL Z . -23.21 24.90 -14.23
O2 GOL Z . -22.54 23.71 -13.84
C3 GOL Z . -24.63 24.88 -13.70
O3 GOL Z . -24.62 24.44 -12.35
C1 PEG AA . 8.71 19.17 4.06
O1 PEG AA . 9.51 19.87 3.16
C2 PEG AA . 8.42 20.04 5.29
O2 PEG AA . 7.56 19.37 6.17
C3 PEG AA . 7.32 20.04 7.37
C4 PEG AA . 6.32 21.16 7.13
O4 PEG AA . 6.05 21.85 8.34
K K BA . 0.28 23.82 -5.19
K K CA . -0.40 20.39 -16.75
C TRS DA . 25.88 3.87 -23.02
C1 TRS DA . 26.18 4.11 -21.54
C2 TRS DA . 25.51 2.41 -23.23
C3 TRS DA . 27.09 4.26 -23.86
N TRS DA . 24.73 4.70 -23.41
O1 TRS DA . 27.19 3.20 -21.13
O2 TRS DA . 25.17 2.20 -24.58
O3 TRS DA . 27.39 5.62 -23.69
C TRS EA . 20.92 20.64 -30.13
C1 TRS EA . 21.48 20.07 -31.43
C2 TRS EA . 19.68 19.87 -29.71
C3 TRS EA . 20.57 22.12 -30.31
N TRS EA . 21.93 20.54 -29.07
O1 TRS EA . 21.82 18.71 -31.26
O2 TRS EA . 19.12 20.46 -28.56
O3 TRS EA . 21.74 22.86 -30.60
C1 GOL FA . -0.38 10.50 -1.66
O1 GOL FA . 0.70 10.31 -0.75
C2 GOL FA . -0.83 11.96 -1.61
O2 GOL FA . 0.25 12.77 -1.24
C3 GOL FA . -1.32 12.36 -3.00
O3 GOL FA . -1.84 13.67 -2.96
C1 GOL GA . 21.32 -2.00 -0.09
O1 GOL GA . 21.79 -3.31 0.13
C2 GOL GA . 20.98 -1.76 -1.56
O2 GOL GA . 20.53 -2.98 -2.14
C3 GOL GA . 19.87 -0.72 -1.67
O3 GOL GA . 20.34 0.52 -1.18
C1 GOL HA . 6.75 32.09 -11.45
O1 GOL HA . 6.32 31.66 -10.18
C2 GOL HA . 6.28 31.09 -12.50
O2 GOL HA . 5.90 31.77 -13.68
C3 GOL HA . 7.40 30.11 -12.80
O3 GOL HA . 8.58 30.80 -13.14
C1 PEG IA . 1.09 7.12 -22.86
O1 PEG IA . 1.17 6.98 -24.26
C2 PEG IA . -0.31 6.82 -22.38
O2 PEG IA . -0.44 7.20 -21.04
C3 PEG IA . -1.51 8.08 -20.79
C4 PEG IA . -1.34 8.69 -19.40
O4 PEG IA . -2.34 9.65 -19.18
K K JA . 8.04 24.97 -7.04
K K KA . 7.54 17.79 -16.76
#